data_1U1Z
#
_entry.id   1U1Z
#
_cell.length_a   93.031
_cell.length_b   100.897
_cell.length_c   177.252
_cell.angle_alpha   90.00
_cell.angle_beta   90.00
_cell.angle_gamma   90.00
#
_symmetry.space_group_name_H-M   'P 21 21 21'
#
loop_
_entity.id
_entity.type
_entity.pdbx_description
1 polymer '(3R)-hydroxymyristoyl-[acyl carrier protein] dehydratase'
2 non-polymer 'SULFATE ION'
3 water water
#
_entity_poly.entity_id   1
_entity_poly.type   'polypeptide(L)'
_entity_poly.pdbx_seq_one_letter_code
;MGSSHHHHHHSSGLVPRGSH(MSE)(MSE)DINEIREYLPHRYPFLLVDRVVELDIEGKRIRAYKNVSINEPFFNGHFPE
HPI(MSE)PGVLIIEA(MSE)AQAAGILGFK(MSE)LDVKPADGTLYYFVGSDKLRFRQPVLPGDQLQLHAKFISVKRSI
WKFDCHATVDDKPVCSAEIICAERKLGS
;
_entity_poly.pdbx_strand_id   A,B,C,D,E,F
#
# COMPACT_ATOMS: atom_id res chain seq x y z
N ASP A 23 -17.52 -16.13 -10.49
CA ASP A 23 -16.17 -15.99 -9.96
C ASP A 23 -15.84 -14.51 -9.87
N ILE A 24 -14.64 -14.21 -9.40
CA ILE A 24 -14.25 -12.81 -9.23
C ILE A 24 -14.29 -12.00 -10.53
N ASN A 25 -13.90 -12.60 -11.65
CA ASN A 25 -13.91 -11.88 -12.93
C ASN A 25 -15.31 -11.43 -13.38
N GLU A 26 -16.32 -12.21 -13.06
CA GLU A 26 -17.69 -11.87 -13.41
C GLU A 26 -18.18 -10.78 -12.47
N ILE A 27 -17.83 -10.92 -11.19
CA ILE A 27 -18.23 -9.95 -10.18
C ILE A 27 -17.75 -8.57 -10.61
N ARG A 28 -16.49 -8.50 -11.06
CA ARG A 28 -15.90 -7.25 -11.47
C ARG A 28 -16.54 -6.69 -12.75
N GLU A 29 -17.56 -7.40 -13.24
CA GLU A 29 -18.29 -6.96 -14.43
C GLU A 29 -19.61 -6.33 -14.02
N TYR A 30 -19.96 -6.50 -12.75
CA TYR A 30 -21.20 -5.97 -12.22
C TYR A 30 -20.98 -4.97 -11.09
N LEU A 31 -19.74 -4.83 -10.65
CA LEU A 31 -19.44 -3.87 -9.60
C LEU A 31 -18.29 -3.02 -10.10
N PRO A 32 -18.37 -1.70 -9.89
CA PRO A 32 -17.26 -0.85 -10.37
C PRO A 32 -16.13 -0.76 -9.32
N HIS A 33 -16.37 -1.36 -8.14
CA HIS A 33 -15.41 -1.34 -7.05
C HIS A 33 -14.11 -2.08 -7.37
N ARG A 34 -12.98 -1.52 -6.95
CA ARG A 34 -11.69 -2.13 -7.18
C ARG A 34 -10.84 -2.05 -5.90
N TYR A 35 -9.72 -2.76 -5.87
CA TYR A 35 -8.83 -2.75 -4.70
C TYR A 35 -8.56 -1.31 -4.27
N PRO A 36 -8.55 -1.05 -2.96
CA PRO A 36 -8.76 -1.96 -1.82
C PRO A 36 -10.18 -1.87 -1.29
N PHE A 37 -11.17 -1.84 -2.18
CA PHE A 37 -12.55 -1.74 -1.74
C PHE A 37 -13.55 -2.67 -2.40
N LEU A 38 -13.07 -3.79 -2.93
CA LEU A 38 -13.95 -4.80 -3.55
C LEU A 38 -14.06 -5.86 -2.47
N LEU A 39 -15.23 -5.94 -1.84
CA LEU A 39 -15.42 -6.86 -0.73
C LEU A 39 -16.33 -8.07 -0.95
N VAL A 40 -16.34 -8.60 -2.16
CA VAL A 40 -17.13 -9.80 -2.48
C VAL A 40 -16.17 -10.66 -3.29
N ASP A 41 -15.81 -11.82 -2.75
CA ASP A 41 -14.87 -12.70 -3.44
C ASP A 41 -15.53 -13.72 -4.34
N ARG A 42 -16.75 -14.10 -4.01
CA ARG A 42 -17.43 -15.07 -4.85
C ARG A 42 -18.93 -15.08 -4.59
N VAL A 43 -19.69 -15.29 -5.67
CA VAL A 43 -21.13 -15.40 -5.60
C VAL A 43 -21.41 -16.89 -5.75
N VAL A 44 -21.90 -17.56 -4.71
CA VAL A 44 -22.17 -19.00 -4.83
C VAL A 44 -23.51 -19.27 -5.49
N GLU A 45 -24.54 -18.50 -5.13
CA GLU A 45 -25.86 -18.66 -5.74
C GLU A 45 -26.55 -17.34 -6.09
N LEU A 46 -27.06 -17.25 -7.30
CA LEU A 46 -27.76 -16.04 -7.75
C LEU A 46 -29.17 -16.45 -8.19
N ASP A 47 -30.13 -16.35 -7.28
CA ASP A 47 -31.50 -16.73 -7.58
C ASP A 47 -32.29 -15.57 -8.18
N ILE A 48 -32.31 -15.51 -9.52
CA ILE A 48 -33.02 -14.45 -10.22
C ILE A 48 -34.53 -14.65 -10.07
N GLU A 49 -34.93 -15.90 -9.91
CA GLU A 49 -36.33 -16.28 -9.71
C GLU A 49 -36.81 -15.71 -8.39
N GLY A 50 -36.10 -16.05 -7.31
CA GLY A 50 -36.45 -15.58 -5.99
C GLY A 50 -35.95 -14.19 -5.66
N LYS A 51 -35.30 -13.55 -6.62
CA LYS A 51 -34.78 -12.21 -6.42
C LYS A 51 -33.86 -12.12 -5.20
N ARG A 52 -32.85 -12.98 -5.13
CA ARG A 52 -31.93 -12.96 -4.00
C ARG A 52 -30.56 -13.54 -4.34
N ILE A 53 -29.56 -13.20 -3.53
CA ILE A 53 -28.20 -13.67 -3.76
C ILE A 53 -27.50 -14.20 -2.52
N ARG A 54 -26.54 -15.08 -2.73
CA ARG A 54 -25.73 -15.68 -1.68
C ARG A 54 -24.29 -15.60 -2.17
N ALA A 55 -23.45 -14.87 -1.45
CA ALA A 55 -22.06 -14.74 -1.83
C ALA A 55 -21.22 -14.78 -0.58
N TYR A 56 -19.92 -14.55 -0.73
CA TYR A 56 -19.02 -14.49 0.41
C TYR A 56 -17.73 -13.74 0.13
N LYS A 57 -17.09 -13.33 1.21
CA LYS A 57 -15.84 -12.60 1.18
C LYS A 57 -14.90 -13.33 2.10
N ASN A 58 -13.74 -13.73 1.59
CA ASN A 58 -12.73 -14.42 2.40
C ASN A 58 -11.97 -13.38 3.21
N VAL A 59 -11.88 -13.58 4.52
CA VAL A 59 -11.18 -12.66 5.39
C VAL A 59 -9.82 -13.27 5.68
N SER A 60 -8.78 -12.57 5.23
CA SER A 60 -7.42 -13.05 5.39
C SER A 60 -6.63 -12.02 6.19
N ILE A 61 -5.55 -12.45 6.84
CA ILE A 61 -4.78 -11.49 7.59
C ILE A 61 -3.98 -10.61 6.63
N ASN A 62 -3.91 -11.04 5.37
CA ASN A 62 -3.15 -10.31 4.36
C ASN A 62 -3.98 -9.28 3.61
N GLU A 63 -4.82 -8.55 4.34
CA GLU A 63 -5.65 -7.50 3.73
C GLU A 63 -5.16 -6.17 4.31
N PRO A 64 -5.13 -5.12 3.49
CA PRO A 64 -4.64 -3.81 3.96
C PRO A 64 -5.23 -3.18 5.21
N PHE A 65 -6.49 -3.44 5.50
CA PHE A 65 -7.12 -2.81 6.65
C PHE A 65 -6.75 -3.38 8.01
N PHE A 66 -6.18 -4.57 8.04
CA PHE A 66 -5.86 -5.16 9.33
C PHE A 66 -4.77 -4.50 10.15
N ASN A 67 -3.74 -3.98 9.50
CA ASN A 67 -2.66 -3.33 10.25
C ASN A 67 -3.15 -2.13 11.05
N GLY A 68 -4.22 -1.49 10.59
CA GLY A 68 -4.72 -0.33 11.29
C GLY A 68 -5.98 -0.56 12.10
N HIS A 69 -6.46 -1.81 12.13
CA HIS A 69 -7.70 -2.11 12.84
C HIS A 69 -7.79 -3.58 13.29
N PHE A 70 -7.04 -3.97 14.34
CA PHE A 70 -6.14 -3.08 15.08
C PHE A 70 -4.79 -3.73 15.31
N PRO A 71 -3.73 -2.93 15.48
CA PRO A 71 -2.42 -3.54 15.72
C PRO A 71 -2.62 -4.51 16.88
N GLU A 72 -2.12 -5.74 16.76
CA GLU A 72 -2.23 -6.73 17.84
C GLU A 72 -3.59 -7.40 17.95
N HIS A 73 -4.60 -6.78 17.37
CA HIS A 73 -5.95 -7.31 17.45
C HIS A 73 -6.65 -7.10 16.13
N PRO A 74 -6.49 -8.06 15.20
CA PRO A 74 -7.10 -7.98 13.88
C PRO A 74 -8.58 -8.30 13.96
N ILE A 75 -9.41 -7.30 13.63
CA ILE A 75 -10.87 -7.42 13.66
C ILE A 75 -11.40 -6.72 12.43
N PRO A 77 -13.43 -4.46 10.18
CA PRO A 77 -14.32 -3.34 10.48
C PRO A 77 -15.78 -3.64 10.18
N GLY A 78 -16.65 -3.37 11.15
CA GLY A 78 -18.06 -3.61 10.94
C GLY A 78 -18.55 -2.89 9.70
N VAL A 79 -17.99 -1.71 9.44
CA VAL A 79 -18.41 -0.96 8.28
C VAL A 79 -18.12 -1.67 6.98
N LEU A 80 -17.07 -2.49 6.95
CA LEU A 80 -16.74 -3.24 5.72
C LEU A 80 -17.66 -4.45 5.57
N ILE A 81 -18.27 -4.87 6.68
CA ILE A 81 -19.21 -5.98 6.60
C ILE A 81 -20.46 -5.38 5.97
N ILE A 82 -20.76 -4.13 6.34
CA ILE A 82 -21.91 -3.42 5.79
C ILE A 82 -21.68 -3.27 4.31
N GLU A 83 -20.50 -2.79 3.95
CA GLU A 83 -20.13 -2.59 2.55
C GLU A 83 -20.17 -3.90 1.77
N ALA A 84 -19.67 -4.98 2.36
CA ALA A 84 -19.69 -6.26 1.67
C ALA A 84 -21.14 -6.63 1.34
N ALA A 86 -23.79 -4.56 1.09
CA ALA A 86 -24.31 -3.65 0.09
C ALA A 86 -23.82 -4.07 -1.29
N GLN A 87 -22.57 -4.50 -1.37
CA GLN A 87 -22.01 -4.92 -2.65
C GLN A 87 -22.64 -6.18 -3.20
N ALA A 88 -23.07 -7.09 -2.33
CA ALA A 88 -23.70 -8.31 -2.82
C ALA A 88 -25.05 -7.90 -3.39
N ALA A 89 -25.73 -7.00 -2.68
CA ALA A 89 -27.03 -6.51 -3.12
C ALA A 89 -26.86 -5.90 -4.50
N GLY A 90 -25.81 -5.08 -4.63
CA GLY A 90 -25.53 -4.42 -5.90
C GLY A 90 -25.39 -5.38 -7.06
N ILE A 91 -24.85 -6.57 -6.81
CA ILE A 91 -24.68 -7.55 -7.89
C ILE A 91 -26.05 -8.09 -8.27
N LEU A 92 -26.92 -8.24 -7.29
CA LEU A 92 -28.26 -8.73 -7.56
C LEU A 92 -28.96 -7.69 -8.41
N GLY A 93 -28.97 -6.45 -7.93
CA GLY A 93 -29.60 -5.37 -8.66
C GLY A 93 -29.20 -5.34 -10.13
N PHE A 94 -27.89 -5.29 -10.40
CA PHE A 94 -27.43 -5.27 -11.76
C PHE A 94 -27.84 -6.51 -12.54
N LYS A 95 -27.84 -7.67 -11.90
CA LYS A 95 -28.26 -8.87 -12.61
C LYS A 95 -29.72 -8.71 -13.05
N LEU A 97 -31.58 -5.99 -13.69
CA LEU A 97 -31.81 -5.07 -14.80
C LEU A 97 -30.73 -5.18 -15.89
N ASP A 98 -29.86 -6.18 -15.77
CA ASP A 98 -28.79 -6.39 -16.72
C ASP A 98 -28.01 -5.09 -16.96
N VAL A 99 -27.45 -4.53 -15.88
CA VAL A 99 -26.70 -3.28 -15.94
C VAL A 99 -25.18 -3.45 -16.03
N LYS A 100 -24.60 -2.88 -17.09
CA LYS A 100 -23.16 -2.92 -17.33
C LYS A 100 -22.57 -1.52 -17.13
N PRO A 101 -21.25 -1.38 -17.28
CA PRO A 101 -20.62 -0.07 -17.11
C PRO A 101 -20.92 0.91 -18.26
N THR A 105 -23.30 1.50 -14.29
CA THR A 105 -23.60 2.61 -13.34
C THR A 105 -23.23 2.23 -11.90
N LEU A 106 -23.96 2.78 -10.93
CA LEU A 106 -23.67 2.51 -9.52
C LEU A 106 -24.90 2.50 -8.60
N TYR A 107 -24.89 1.61 -7.61
CA TYR A 107 -25.99 1.53 -6.65
C TYR A 107 -25.55 2.19 -5.34
N TYR A 108 -25.58 3.52 -5.35
CA TYR A 108 -25.20 4.36 -4.22
C TYR A 108 -25.90 3.96 -2.92
N PHE A 109 -25.11 3.85 -1.85
CA PHE A 109 -25.59 3.47 -0.51
C PHE A 109 -26.16 4.70 0.16
N VAL A 110 -27.49 4.78 0.25
CA VAL A 110 -28.12 5.96 0.86
C VAL A 110 -28.58 5.81 2.30
N GLY A 111 -28.66 4.58 2.81
CA GLY A 111 -29.06 4.40 4.19
C GLY A 111 -29.48 3.03 4.68
N SER A 112 -29.96 3.01 5.91
CA SER A 112 -30.45 1.80 6.57
C SER A 112 -31.16 2.22 7.85
N ASP A 113 -32.19 1.48 8.26
CA ASP A 113 -32.93 1.86 9.45
C ASP A 113 -32.52 1.11 10.72
N LYS A 114 -32.38 -0.19 10.59
CA LYS A 114 -32.00 -1.02 11.73
C LYS A 114 -30.83 -1.86 11.26
N LEU A 115 -29.68 -1.66 11.90
CA LEU A 115 -28.44 -2.36 11.57
C LEU A 115 -27.88 -2.89 12.88
N ARG A 116 -27.47 -4.14 12.89
CA ARG A 116 -26.95 -4.74 14.10
C ARG A 116 -25.79 -5.71 13.87
N PHE A 117 -24.84 -5.73 14.80
CA PHE A 117 -23.68 -6.62 14.73
C PHE A 117 -23.78 -7.55 15.94
N ARG A 118 -23.62 -8.87 15.72
CA ARG A 118 -23.71 -9.82 16.84
C ARG A 118 -22.35 -10.26 17.35
N GLN A 119 -21.40 -10.54 16.46
CA GLN A 119 -20.06 -10.95 16.86
C GLN A 119 -19.01 -10.47 15.87
N PRO A 120 -17.77 -10.25 16.35
CA PRO A 120 -16.71 -9.78 15.47
C PRO A 120 -16.25 -10.82 14.45
N VAL A 121 -15.89 -10.37 13.26
CA VAL A 121 -15.41 -11.23 12.19
C VAL A 121 -13.87 -11.18 12.25
N LEU A 122 -13.27 -12.36 12.29
CA LEU A 122 -11.82 -12.46 12.43
C LEU A 122 -11.11 -13.08 11.23
N PRO A 123 -9.77 -12.95 11.17
CA PRO A 123 -9.00 -13.51 10.06
C PRO A 123 -9.25 -15.00 9.94
N GLY A 124 -9.41 -15.49 8.71
CA GLY A 124 -9.64 -16.91 8.52
C GLY A 124 -11.11 -17.26 8.45
N ASP A 125 -11.97 -16.25 8.69
CA ASP A 125 -13.40 -16.43 8.62
C ASP A 125 -13.86 -16.25 7.17
N GLN A 126 -14.88 -17.03 6.78
CA GLN A 126 -15.46 -16.87 5.46
C GLN A 126 -16.74 -16.07 5.72
N LEU A 127 -16.76 -14.80 5.35
CA LEU A 127 -17.94 -13.97 5.59
C LEU A 127 -19.04 -14.24 4.57
N GLN A 128 -20.07 -14.98 4.98
CA GLN A 128 -21.19 -15.32 4.12
C GLN A 128 -22.10 -14.11 3.97
N LEU A 129 -22.45 -13.77 2.74
CA LEU A 129 -23.30 -12.61 2.48
C LEU A 129 -24.62 -12.98 1.79
N HIS A 130 -25.73 -12.60 2.42
CA HIS A 130 -27.08 -12.87 1.91
C HIS A 130 -27.82 -11.56 1.59
N ALA A 131 -28.40 -11.47 0.40
CA ALA A 131 -29.17 -10.28 0.02
C ALA A 131 -30.47 -10.72 -0.65
N LYS A 132 -31.59 -10.17 -0.17
CA LYS A 132 -32.90 -10.50 -0.71
C LYS A 132 -33.58 -9.24 -1.19
N PHE A 133 -33.81 -9.14 -2.50
CA PHE A 133 -34.47 -7.98 -3.06
C PHE A 133 -35.82 -7.79 -2.41
N ILE A 134 -36.14 -6.56 -2.02
CA ILE A 134 -37.44 -6.28 -1.42
C ILE A 134 -38.31 -5.45 -2.37
N SER A 135 -37.79 -4.32 -2.83
CA SER A 135 -38.56 -3.47 -3.72
C SER A 135 -37.78 -2.29 -4.28
N VAL A 136 -38.33 -1.69 -5.33
CA VAL A 136 -37.72 -0.53 -5.94
C VAL A 136 -38.83 0.43 -6.37
N LYS A 137 -38.69 1.69 -5.99
CA LYS A 137 -39.69 2.70 -6.31
C LYS A 137 -39.02 4.07 -6.45
N ARG A 138 -39.12 4.64 -7.65
CA ARG A 138 -38.52 5.93 -7.96
C ARG A 138 -37.01 5.74 -8.06
N SER A 139 -36.61 4.50 -8.32
CA SER A 139 -35.21 4.09 -8.44
C SER A 139 -34.52 3.92 -7.09
N ILE A 140 -35.31 3.81 -6.03
CA ILE A 140 -34.77 3.61 -4.69
C ILE A 140 -34.94 2.14 -4.33
N TRP A 141 -33.83 1.41 -4.32
CA TRP A 141 -33.84 -0.01 -4.01
C TRP A 141 -33.71 -0.32 -2.52
N LYS A 142 -34.43 -1.34 -2.07
CA LYS A 142 -34.38 -1.76 -0.68
C LYS A 142 -34.10 -3.25 -0.64
N PHE A 143 -33.05 -3.64 0.08
CA PHE A 143 -32.67 -5.04 0.23
C PHE A 143 -32.64 -5.48 1.69
N ASP A 144 -32.93 -6.75 1.91
CA ASP A 144 -32.91 -7.33 3.24
C ASP A 144 -31.59 -8.08 3.26
N CYS A 145 -30.65 -7.69 4.13
CA CYS A 145 -29.35 -8.34 4.16
C CYS A 145 -28.95 -9.02 5.47
N HIS A 146 -28.13 -10.05 5.34
CA HIS A 146 -27.62 -10.79 6.50
C HIS A 146 -26.22 -11.29 6.19
N ALA A 147 -25.40 -11.36 7.24
CA ALA A 147 -24.02 -11.85 7.11
C ALA A 147 -23.86 -12.90 8.18
N THR A 148 -23.13 -13.96 7.89
CA THR A 148 -22.90 -14.99 8.88
C THR A 148 -21.51 -15.59 8.74
N VAL A 149 -21.05 -16.25 9.80
CA VAL A 149 -19.76 -16.93 9.82
C VAL A 149 -20.02 -18.29 10.49
N ASP A 150 -19.61 -19.38 9.85
CA ASP A 150 -19.85 -20.73 10.37
C ASP A 150 -21.34 -20.84 10.73
N ASP A 151 -22.17 -20.20 9.91
CA ASP A 151 -23.63 -20.18 10.06
C ASP A 151 -24.23 -19.47 11.27
N LYS A 152 -23.39 -18.79 12.05
CA LYS A 152 -23.88 -18.03 13.20
C LYS A 152 -24.10 -16.59 12.70
N PRO A 153 -25.12 -15.89 13.20
CA PRO A 153 -25.32 -14.52 12.72
C PRO A 153 -24.27 -13.51 13.13
N VAL A 154 -23.81 -12.73 12.15
CA VAL A 154 -22.78 -11.73 12.38
C VAL A 154 -23.32 -10.32 12.24
N CYS A 155 -24.05 -10.08 11.17
CA CYS A 155 -24.65 -8.78 10.94
C CYS A 155 -25.96 -8.93 10.17
N SER A 156 -26.81 -7.91 10.28
CA SER A 156 -28.08 -7.91 9.58
C SER A 156 -28.53 -6.46 9.49
N ALA A 157 -29.09 -6.08 8.34
CA ALA A 157 -29.56 -4.73 8.14
C ALA A 157 -30.38 -4.63 6.88
N GLU A 158 -31.12 -3.53 6.76
CA GLU A 158 -31.91 -3.30 5.57
C GLU A 158 -31.15 -2.24 4.79
N ILE A 159 -30.53 -2.65 3.69
CA ILE A 159 -29.75 -1.75 2.85
C ILE A 159 -30.65 -1.02 1.89
N ILE A 160 -30.44 0.29 1.75
CA ILE A 160 -31.23 1.10 0.83
C ILE A 160 -30.27 1.77 -0.15
N CYS A 161 -30.47 1.53 -1.45
CA CYS A 161 -29.62 2.12 -2.48
C CYS A 161 -30.43 2.95 -3.46
N ALA A 162 -29.72 3.73 -4.26
CA ALA A 162 -30.35 4.59 -5.24
C ALA A 162 -29.43 4.73 -6.45
N GLU A 163 -29.91 4.32 -7.62
CA GLU A 163 -29.11 4.42 -8.84
C GLU A 163 -28.62 5.84 -9.11
N ARG A 164 -27.45 5.92 -9.73
CA ARG A 164 -26.81 7.18 -10.12
C ARG A 164 -25.66 6.86 -11.07
N LYS A 165 -24.92 7.88 -11.50
CA LYS A 165 -23.77 7.74 -12.40
C LYS A 165 -23.80 6.42 -13.19
N ASP B 23 -4.73 17.25 18.65
CA ASP B 23 -4.02 16.92 17.43
C ASP B 23 -4.00 15.40 17.25
N ILE B 24 -3.46 14.97 16.11
CA ILE B 24 -3.40 13.56 15.77
C ILE B 24 -2.81 12.63 16.83
N ASN B 25 -1.75 13.06 17.50
CA ASN B 25 -1.12 12.23 18.54
C ASN B 25 -2.05 12.04 19.72
N GLU B 26 -2.67 13.12 20.17
CA GLU B 26 -3.60 13.03 21.29
C GLU B 26 -4.72 12.08 20.88
N ILE B 27 -5.20 12.26 19.65
CA ILE B 27 -6.26 11.40 19.12
C ILE B 27 -5.84 9.93 19.17
N ARG B 28 -4.58 9.66 18.88
CA ARG B 28 -4.09 8.29 18.88
C ARG B 28 -3.83 7.71 20.26
N GLU B 29 -3.99 8.53 21.29
CA GLU B 29 -3.84 8.08 22.67
C GLU B 29 -5.18 7.46 23.10
N TYR B 30 -6.27 7.98 22.52
CA TYR B 30 -7.63 7.54 22.81
C TYR B 30 -8.14 6.46 21.86
N LEU B 31 -7.75 6.55 20.60
CA LEU B 31 -8.19 5.58 19.60
C LEU B 31 -7.04 4.65 19.22
N PRO B 32 -7.29 3.33 19.22
CA PRO B 32 -6.23 2.39 18.87
C PRO B 32 -6.09 2.26 17.35
N HIS B 33 -7.07 2.80 16.62
CA HIS B 33 -7.07 2.74 15.15
C HIS B 33 -5.79 3.32 14.58
N ARG B 34 -5.23 2.67 13.56
CA ARG B 34 -4.02 3.15 12.90
C ARG B 34 -4.24 3.05 11.39
N TYR B 35 -3.25 3.44 10.60
CA TYR B 35 -3.37 3.39 9.15
C TYR B 35 -3.67 1.97 8.67
N PRO B 36 -4.60 1.82 7.71
CA PRO B 36 -5.38 2.87 7.04
C PRO B 36 -6.80 3.03 7.59
N PHE B 37 -6.97 2.98 8.90
CA PHE B 37 -8.31 3.11 9.42
C PHE B 37 -8.53 4.13 10.52
N LEU B 38 -7.70 5.17 10.54
CA LEU B 38 -7.86 6.24 11.51
C LEU B 38 -8.55 7.31 10.67
N LEU B 39 -9.80 7.63 11.00
CA LEU B 39 -10.54 8.58 10.20
C LEU B 39 -10.93 9.90 10.88
N VAL B 40 -10.20 10.28 11.91
CA VAL B 40 -10.42 11.54 12.59
C VAL B 40 -9.07 12.24 12.50
N ASP B 41 -9.00 13.33 11.76
CA ASP B 41 -7.73 14.03 11.62
C ASP B 41 -7.54 15.13 12.66
N ARG B 42 -8.64 15.62 13.23
CA ARG B 42 -8.54 16.65 14.25
C ARG B 42 -9.83 16.88 15.01
N VAL B 43 -9.70 17.17 16.30
CA VAL B 43 -10.86 17.45 17.14
C VAL B 43 -10.80 18.96 17.42
N VAL B 44 -11.83 19.67 16.99
CA VAL B 44 -11.86 21.11 17.15
C VAL B 44 -12.56 21.59 18.43
N GLU B 45 -13.64 20.92 18.81
CA GLU B 45 -14.36 21.31 20.02
C GLU B 45 -14.81 20.14 20.87
N LEU B 46 -14.62 20.29 22.18
CA LEU B 46 -15.00 19.29 23.16
C LEU B 46 -15.90 19.96 24.20
N ASP B 47 -17.21 19.84 24.04
CA ASP B 47 -18.13 20.46 24.99
C ASP B 47 -18.68 19.43 25.98
N ILE B 48 -17.93 19.23 27.07
CA ILE B 48 -18.31 18.28 28.10
C ILE B 48 -19.71 18.49 28.66
N GLU B 49 -19.95 19.67 29.21
CA GLU B 49 -21.26 19.98 29.78
C GLU B 49 -22.37 19.63 28.81
N GLY B 50 -22.19 19.99 27.55
CA GLY B 50 -23.20 19.69 26.54
C GLY B 50 -23.13 18.28 25.99
N LYS B 51 -22.05 17.57 26.34
CA LYS B 51 -21.85 16.19 25.89
C LYS B 51 -21.86 16.08 24.37
N ARG B 52 -21.13 16.98 23.72
CA ARG B 52 -21.03 17.00 22.26
C ARG B 52 -19.56 17.05 21.88
N ILE B 53 -19.26 16.78 20.62
CA ILE B 53 -17.90 16.85 20.12
C ILE B 53 -17.93 17.30 18.67
N ARG B 54 -16.93 18.06 18.27
CA ARG B 54 -16.83 18.52 16.88
C ARG B 54 -15.42 18.20 16.41
N ALA B 55 -15.35 17.43 15.33
CA ALA B 55 -14.08 17.03 14.76
C ALA B 55 -14.23 16.98 13.26
N TYR B 56 -13.12 16.82 12.57
CA TYR B 56 -13.17 16.74 11.13
C TYR B 56 -12.13 15.78 10.58
N LYS B 57 -12.39 15.31 9.36
CA LYS B 57 -11.50 14.39 8.69
C LYS B 57 -11.25 15.00 7.31
N ASN B 58 -9.99 15.27 7.00
CA ASN B 58 -9.63 15.85 5.72
C ASN B 58 -9.68 14.79 4.65
N VAL B 59 -10.46 15.03 3.60
CA VAL B 59 -10.57 14.10 2.50
C VAL B 59 -9.61 14.51 1.39
N SER B 60 -8.57 13.71 1.18
CA SER B 60 -7.57 13.98 0.16
C SER B 60 -7.57 12.86 -0.87
N ILE B 61 -7.31 13.19 -2.12
CA ILE B 61 -7.28 12.18 -3.16
C ILE B 61 -6.13 11.22 -2.85
N ASN B 62 -5.18 11.68 -2.06
CA ASN B 62 -4.02 10.86 -1.70
C ASN B 62 -4.28 9.84 -0.58
N GLU B 63 -5.41 9.16 -0.66
CA GLU B 63 -5.77 8.16 0.35
C GLU B 63 -5.97 6.80 -0.32
N PRO B 64 -5.53 5.72 0.34
CA PRO B 64 -5.63 4.36 -0.19
C PRO B 64 -6.97 3.84 -0.72
N PHE B 65 -8.10 4.38 -0.28
CA PHE B 65 -9.37 3.83 -0.76
C PHE B 65 -9.88 4.39 -2.07
N PHE B 66 -9.48 5.61 -2.42
CA PHE B 66 -9.97 6.20 -3.64
C PHE B 66 -9.72 5.40 -4.92
N ASN B 67 -8.53 4.84 -5.08
CA ASN B 67 -8.26 4.05 -6.28
C ASN B 67 -9.31 2.97 -6.49
N GLY B 68 -9.87 2.46 -5.41
CA GLY B 68 -10.85 1.40 -5.55
C GLY B 68 -12.31 1.81 -5.44
N HIS B 69 -12.55 3.07 -5.10
CA HIS B 69 -13.91 3.56 -4.91
C HIS B 69 -14.09 5.01 -5.37
N PHE B 70 -14.11 5.27 -6.68
CA PHE B 70 -13.97 4.26 -7.74
C PHE B 70 -12.95 4.74 -8.76
N PRO B 71 -12.45 3.83 -9.61
CA PRO B 71 -11.47 4.28 -10.62
C PRO B 71 -12.12 5.40 -11.44
N GLU B 72 -11.43 6.53 -11.55
CA GLU B 72 -11.90 7.71 -12.32
C GLU B 72 -13.13 8.43 -11.79
N HIS B 73 -13.59 8.03 -10.61
CA HIS B 73 -14.75 8.66 -9.99
C HIS B 73 -14.57 8.49 -8.50
N PRO B 74 -13.69 9.32 -7.92
CA PRO B 74 -13.38 9.29 -6.48
C PRO B 74 -14.50 9.78 -5.57
N ILE B 75 -15.04 8.85 -4.79
CA ILE B 75 -16.12 9.14 -3.85
C ILE B 75 -15.79 8.45 -2.53
N PRO B 77 -16.21 6.39 0.53
CA PRO B 77 -17.18 5.36 0.93
C PRO B 77 -18.06 5.78 2.09
N GLY B 78 -19.37 5.79 1.86
CA GLY B 78 -20.28 6.16 2.92
C GLY B 78 -20.01 5.41 4.22
N VAL B 79 -19.65 4.13 4.14
CA VAL B 79 -19.37 3.36 5.36
C VAL B 79 -18.18 3.95 6.11
N LEU B 80 -17.23 4.52 5.38
CA LEU B 80 -16.11 5.11 6.08
C LEU B 80 -16.59 6.34 6.86
N ILE B 81 -17.57 7.04 6.31
CA ILE B 81 -18.10 8.20 7.02
C ILE B 81 -18.68 7.71 8.35
N ILE B 82 -19.37 6.58 8.32
CA ILE B 82 -19.95 6.00 9.55
C ILE B 82 -18.82 5.76 10.52
N GLU B 83 -17.79 5.06 10.06
CA GLU B 83 -16.62 4.76 10.88
C GLU B 83 -16.06 6.05 11.49
N ALA B 84 -15.90 7.07 10.66
CA ALA B 84 -15.37 8.34 11.16
C ALA B 84 -16.23 8.89 12.29
N ALA B 86 -18.24 7.12 14.35
CA ALA B 86 -18.11 6.26 15.53
C ALA B 86 -16.81 6.58 16.27
N GLN B 87 -15.75 6.82 15.52
CA GLN B 87 -14.46 7.13 16.14
C GLN B 87 -14.53 8.44 16.92
N ALA B 88 -15.24 9.42 16.39
CA ALA B 88 -15.34 10.70 17.08
C ALA B 88 -16.17 10.51 18.35
N ALA B 89 -17.20 9.69 18.26
CA ALA B 89 -18.07 9.40 19.39
C ALA B 89 -17.24 8.80 20.51
N GLY B 90 -16.37 7.87 20.15
CA GLY B 90 -15.51 7.24 21.14
C GLY B 90 -14.74 8.28 21.93
N ILE B 91 -14.07 9.19 21.22
CA ILE B 91 -13.31 10.23 21.91
C ILE B 91 -14.24 10.96 22.87
N LEU B 92 -15.44 11.28 22.41
CA LEU B 92 -16.42 11.98 23.25
C LEU B 92 -16.69 11.15 24.50
N GLY B 93 -16.94 9.86 24.31
CA GLY B 93 -17.20 9.00 25.44
C GLY B 93 -16.13 9.09 26.52
N PHE B 94 -14.87 8.98 26.12
CA PHE B 94 -13.78 9.05 27.09
C PHE B 94 -13.68 10.42 27.76
N LYS B 95 -13.72 11.48 26.96
CA LYS B 95 -13.60 12.83 27.51
C LYS B 95 -14.66 13.12 28.56
N LEU B 97 -16.07 11.26 30.72
CA LEU B 97 -15.81 10.67 32.03
C LEU B 97 -14.37 10.81 32.48
N ASP B 98 -13.65 11.77 31.91
CA ASP B 98 -12.26 11.98 32.27
C ASP B 98 -11.42 10.70 32.25
N VAL B 99 -11.67 9.85 31.27
CA VAL B 99 -10.94 8.59 31.16
C VAL B 99 -9.55 8.84 30.59
N LYS B 100 -8.54 8.47 31.36
CA LYS B 100 -7.17 8.67 30.92
C LYS B 100 -6.91 7.79 29.71
N PRO B 101 -6.17 8.33 28.72
CA PRO B 101 -5.76 7.75 27.44
C PRO B 101 -5.67 6.21 27.38
N ALA B 102 -4.77 5.72 26.52
CA ALA B 102 -4.58 4.28 26.33
C ALA B 102 -5.05 3.52 27.58
N ASP B 103 -6.30 3.09 27.54
CA ASP B 103 -6.93 2.36 28.64
C ASP B 103 -7.03 0.91 28.15
N GLY B 104 -6.89 0.73 26.84
CA GLY B 104 -6.99 -0.60 26.25
C GLY B 104 -8.47 -0.83 25.98
N THR B 105 -9.22 0.26 26.02
CA THR B 105 -10.66 0.23 25.83
C THR B 105 -11.10 0.69 24.44
N LEU B 106 -12.11 0.02 23.91
CA LEU B 106 -12.60 0.37 22.58
C LEU B 106 -14.11 0.51 22.57
N TYR B 107 -14.62 1.58 21.96
CA TYR B 107 -16.07 1.74 21.85
C TYR B 107 -16.44 0.96 20.59
N TYR B 108 -16.66 -0.32 20.77
CA TYR B 108 -17.00 -1.24 19.67
C TYR B 108 -18.35 -0.88 19.01
N PHE B 109 -18.32 -0.60 17.70
CA PHE B 109 -19.52 -0.25 16.93
C PHE B 109 -20.42 -1.46 16.79
N VAL B 110 -21.54 -1.47 17.51
CA VAL B 110 -22.43 -2.62 17.50
C VAL B 110 -23.78 -2.50 16.83
N GLY B 111 -24.11 -1.32 16.32
CA GLY B 111 -25.39 -1.18 15.66
C GLY B 111 -25.74 0.26 15.35
N SER B 112 -26.82 0.44 14.59
CA SER B 112 -27.27 1.77 14.24
C SER B 112 -28.71 1.81 13.82
N ASP B 113 -29.26 3.02 13.84
CA ASP B 113 -30.64 3.27 13.44
C ASP B 113 -30.67 4.52 12.59
N LYS B 114 -31.69 4.63 11.73
CA LYS B 114 -31.85 5.83 10.92
C LYS B 114 -30.55 6.31 10.23
N LEU B 115 -29.81 5.39 9.63
CA LEU B 115 -28.59 5.75 8.93
C LEU B 115 -28.99 6.32 7.57
N ARG B 116 -28.57 7.56 7.27
CA ARG B 116 -28.90 8.21 6.01
C ARG B 116 -27.76 9.07 5.45
N PHE B 117 -27.57 8.99 4.13
CA PHE B 117 -26.54 9.78 3.45
C PHE B 117 -27.26 10.72 2.50
N ARG B 118 -26.92 12.01 2.54
CA ARG B 118 -27.60 12.97 1.69
C ARG B 118 -26.83 13.48 0.50
N GLN B 119 -25.54 13.17 0.42
CA GLN B 119 -24.72 13.57 -0.71
C GLN B 119 -23.28 13.11 -0.51
N PRO B 120 -22.61 12.71 -1.61
CA PRO B 120 -21.23 12.23 -1.56
C PRO B 120 -20.18 13.22 -1.09
N VAL B 121 -19.12 12.68 -0.49
CA VAL B 121 -18.01 13.47 0.00
C VAL B 121 -16.92 13.25 -1.02
N LEU B 122 -16.23 14.31 -1.42
CA LEU B 122 -15.24 14.16 -2.47
C LEU B 122 -13.86 14.65 -2.09
N PRO B 123 -12.84 14.29 -2.88
CA PRO B 123 -11.51 14.77 -2.52
C PRO B 123 -11.56 16.29 -2.38
N GLY B 124 -10.84 16.84 -1.41
CA GLY B 124 -10.85 18.27 -1.20
C GLY B 124 -11.81 18.69 -0.10
N ASP B 125 -12.81 17.88 0.19
CA ASP B 125 -13.77 18.22 1.24
C ASP B 125 -13.17 18.07 2.61
N GLN B 126 -13.73 18.79 3.58
CA GLN B 126 -13.30 18.69 4.97
C GLN B 126 -14.56 18.12 5.60
N LEU B 127 -14.57 16.82 5.86
CA LEU B 127 -15.73 16.17 6.45
C LEU B 127 -15.83 16.59 7.92
N GLN B 128 -16.96 17.19 8.28
CA GLN B 128 -17.18 17.66 9.65
C GLN B 128 -17.97 16.61 10.43
N LEU B 129 -17.40 16.18 11.56
CA LEU B 129 -18.00 15.15 12.40
C LEU B 129 -18.60 15.70 13.69
N HIS B 130 -19.86 15.40 13.92
CA HIS B 130 -20.58 15.84 15.11
C HIS B 130 -21.13 14.60 15.81
N ALA B 131 -20.96 14.56 17.12
CA ALA B 131 -21.48 13.45 17.90
C ALA B 131 -22.06 14.02 19.20
N LYS B 132 -23.29 13.62 19.51
CA LYS B 132 -23.95 14.10 20.72
C LYS B 132 -24.42 12.95 21.58
N PHE B 133 -23.92 12.91 22.81
CA PHE B 133 -24.32 11.84 23.70
C PHE B 133 -25.85 11.80 23.82
N ILE B 134 -26.44 10.62 23.75
CA ILE B 134 -27.88 10.48 23.92
C ILE B 134 -28.18 9.76 25.24
N SER B 135 -27.62 8.56 25.41
CA SER B 135 -27.84 7.79 26.64
C SER B 135 -26.90 6.60 26.79
N VAL B 136 -26.78 6.09 28.01
CA VAL B 136 -25.93 4.93 28.27
C VAL B 136 -26.58 3.91 29.20
N LYS B 137 -26.65 2.66 28.77
CA LYS B 137 -27.21 1.58 29.59
C LYS B 137 -26.04 0.64 29.91
N ARG B 138 -25.36 0.96 31.01
CA ARG B 138 -24.19 0.21 31.45
C ARG B 138 -23.05 0.36 30.47
N SER B 139 -22.84 -0.63 29.61
CA SER B 139 -21.73 -0.56 28.65
C SER B 139 -22.16 -0.18 27.24
N ILE B 140 -23.46 -0.21 26.99
CA ILE B 140 -24.00 0.12 25.67
C ILE B 140 -24.32 1.62 25.56
N TRP B 141 -23.57 2.32 24.71
CA TRP B 141 -23.78 3.75 24.52
C TRP B 141 -24.54 4.02 23.24
N LYS B 142 -25.24 5.16 23.20
CA LYS B 142 -25.98 5.58 22.02
C LYS B 142 -25.62 7.03 21.77
N PHE B 143 -25.25 7.34 20.53
CA PHE B 143 -24.87 8.70 20.17
C PHE B 143 -25.69 9.19 18.99
N ASP B 144 -25.93 10.49 18.93
CA ASP B 144 -26.66 11.10 17.83
C ASP B 144 -25.52 11.70 17.01
N CYS B 145 -25.32 11.15 15.81
CA CYS B 145 -24.22 11.60 14.96
C CYS B 145 -24.58 12.22 13.63
N HIS B 146 -23.78 13.22 13.23
CA HIS B 146 -23.96 13.92 11.96
C HIS B 146 -22.60 14.23 11.32
N ALA B 147 -22.60 14.32 9.99
CA ALA B 147 -21.40 14.65 9.24
C ALA B 147 -21.84 15.72 8.25
N THR B 148 -20.99 16.72 8.04
CA THR B 148 -21.33 17.80 7.12
C THR B 148 -20.14 18.33 6.35
N VAL B 149 -20.41 18.87 5.18
CA VAL B 149 -19.39 19.48 4.33
C VAL B 149 -19.88 20.90 4.04
N ASP B 150 -19.06 21.88 4.37
CA ASP B 150 -19.45 23.27 4.17
C ASP B 150 -20.77 23.55 4.86
N ASP B 151 -20.93 22.97 6.04
CA ASP B 151 -22.12 23.12 6.87
C ASP B 151 -23.38 22.52 6.29
N LYS B 152 -23.28 21.95 5.08
CA LYS B 152 -24.43 21.32 4.49
C LYS B 152 -24.40 19.85 4.88
N PRO B 153 -25.58 19.27 5.21
CA PRO B 153 -25.67 17.86 5.61
C PRO B 153 -25.15 16.88 4.58
N VAL B 154 -24.57 15.80 5.09
CA VAL B 154 -24.01 14.75 4.25
C VAL B 154 -24.37 13.39 4.80
N CYS B 155 -24.34 13.26 6.11
CA CYS B 155 -24.67 11.98 6.73
C CYS B 155 -25.21 12.14 8.13
N SER B 156 -26.04 11.18 8.55
CA SER B 156 -26.60 11.21 9.88
C SER B 156 -27.04 9.83 10.30
N ALA B 157 -26.87 9.53 11.59
CA ALA B 157 -27.28 8.23 12.10
C ALA B 157 -27.14 8.17 13.62
N GLU B 158 -27.79 7.18 14.22
CA GLU B 158 -27.67 6.98 15.66
C GLU B 158 -26.72 5.81 15.78
N ILE B 159 -25.56 6.09 16.37
CA ILE B 159 -24.48 5.14 16.57
C ILE B 159 -24.53 4.48 17.93
N ILE B 160 -24.65 3.16 17.96
CA ILE B 160 -24.69 2.41 19.22
C ILE B 160 -23.35 1.70 19.44
N CYS B 161 -22.72 1.95 20.58
CA CYS B 161 -21.42 1.33 20.88
C CYS B 161 -21.45 0.50 22.14
N ALA B 162 -20.48 -0.40 22.25
CA ALA B 162 -20.36 -1.25 23.41
C ALA B 162 -18.95 -1.02 23.91
N GLU B 163 -18.83 -0.40 25.08
CA GLU B 163 -17.50 -0.15 25.62
C GLU B 163 -16.95 -1.47 26.10
N ARG B 164 -15.94 -1.98 25.41
CA ARG B 164 -15.32 -3.25 25.77
C ARG B 164 -13.81 -3.11 25.80
N LYS B 165 -13.13 -4.15 26.24
CA LYS B 165 -11.67 -4.14 26.29
C LYS B 165 -11.15 -4.64 24.95
N LEU B 166 -10.29 -3.84 24.33
CA LEU B 166 -9.74 -4.22 23.05
C LEU B 166 -9.13 -5.62 23.12
N ASP C 23 14.79 -1.76 -21.17
CA ASP C 23 14.42 -1.12 -19.91
C ASP C 23 13.07 -1.59 -19.40
N ILE C 24 12.62 -0.97 -18.32
CA ILE C 24 11.36 -1.35 -17.71
C ILE C 24 10.16 -1.28 -18.66
N ASN C 25 10.12 -0.27 -19.51
CA ASN C 25 9.00 -0.13 -20.46
C ASN C 25 8.96 -1.26 -21.48
N GLU C 26 10.13 -1.67 -21.97
CA GLU C 26 10.20 -2.76 -22.93
C GLU C 26 9.83 -4.03 -22.18
N ILE C 27 10.38 -4.17 -20.98
CA ILE C 27 10.12 -5.33 -20.15
C ILE C 27 8.61 -5.52 -19.98
N ARG C 28 7.91 -4.43 -19.69
CA ARG C 28 6.47 -4.52 -19.50
C ARG C 28 5.65 -4.80 -20.76
N GLU C 29 6.32 -4.97 -21.90
CA GLU C 29 5.67 -5.28 -23.17
C GLU C 29 5.67 -6.81 -23.34
N TYR C 30 6.52 -7.48 -22.56
CA TYR C 30 6.61 -8.93 -22.64
C TYR C 30 6.10 -9.64 -21.39
N LEU C 31 6.08 -8.94 -20.26
CA LEU C 31 5.58 -9.54 -19.03
C LEU C 31 4.26 -8.90 -18.65
N PRO C 32 3.26 -9.72 -18.30
CA PRO C 32 1.97 -9.13 -17.92
C PRO C 32 2.02 -8.67 -16.44
N HIS C 33 3.03 -9.15 -15.71
CA HIS C 33 3.19 -8.82 -14.30
C HIS C 33 3.18 -7.32 -14.04
N ARG C 34 2.60 -6.91 -12.92
CA ARG C 34 2.57 -5.49 -12.56
C ARG C 34 2.79 -5.29 -11.07
N TYR C 35 2.86 -4.03 -10.63
CA TYR C 35 3.09 -3.72 -9.22
C TYR C 35 2.01 -4.35 -8.37
N PRO C 36 2.38 -4.98 -7.25
CA PRO C 36 3.73 -5.15 -6.69
C PRO C 36 4.36 -6.52 -6.98
N PHE C 37 4.27 -7.00 -8.23
CA PHE C 37 4.85 -8.28 -8.55
C PHE C 37 5.71 -8.34 -9.82
N LEU C 38 6.31 -7.22 -10.18
CA LEU C 38 7.19 -7.15 -11.33
C LEU C 38 8.57 -7.18 -10.70
N LEU C 39 9.26 -8.31 -10.84
CA LEU C 39 10.57 -8.46 -10.21
C LEU C 39 11.77 -8.56 -11.15
N VAL C 40 11.76 -7.76 -12.21
CA VAL C 40 12.86 -7.68 -13.16
C VAL C 40 12.91 -6.20 -13.50
N ASP C 41 13.95 -5.49 -13.04
CA ASP C 41 14.04 -4.06 -13.30
C ASP C 41 14.78 -3.70 -14.58
N ARG C 42 15.56 -4.63 -15.12
CA ARG C 42 16.29 -4.35 -16.35
C ARG C 42 16.94 -5.58 -16.97
N VAL C 43 16.97 -5.64 -18.29
CA VAL C 43 17.58 -6.74 -19.02
C VAL C 43 18.84 -6.19 -19.66
N VAL C 44 20.01 -6.62 -19.17
CA VAL C 44 21.28 -6.14 -19.69
C VAL C 44 21.68 -6.82 -21.00
N GLU C 45 21.34 -8.09 -21.16
CA GLU C 45 21.65 -8.81 -22.38
C GLU C 45 20.68 -9.94 -22.72
N LEU C 46 20.17 -9.90 -23.94
CA LEU C 46 19.25 -10.90 -24.43
C LEU C 46 19.86 -11.52 -25.69
N ASP C 47 20.55 -12.64 -25.50
CA ASP C 47 21.19 -13.34 -26.61
C ASP C 47 20.22 -14.37 -27.17
N ILE C 48 19.33 -13.91 -28.06
CA ILE C 48 18.31 -14.78 -28.64
C ILE C 48 18.87 -15.96 -29.44
N GLU C 49 20.07 -15.79 -29.96
CA GLU C 49 20.70 -16.86 -30.72
C GLU C 49 21.16 -17.97 -29.78
N GLY C 50 21.75 -17.58 -28.65
CA GLY C 50 22.19 -18.54 -27.65
C GLY C 50 21.03 -19.01 -26.79
N LYS C 51 19.90 -18.32 -26.93
CA LYS C 51 18.68 -18.62 -26.20
C LYS C 51 18.89 -18.51 -24.70
N ARG C 52 19.39 -17.35 -24.29
CA ARG C 52 19.65 -17.05 -22.89
C ARG C 52 19.48 -15.56 -22.62
N ILE C 53 19.29 -15.21 -21.34
CA ILE C 53 19.07 -13.82 -20.96
C ILE C 53 19.77 -13.45 -19.65
N ARG C 54 20.15 -12.18 -19.54
CA ARG C 54 20.81 -11.68 -18.34
C ARG C 54 20.11 -10.39 -17.95
N ALA C 55 19.60 -10.34 -16.73
CA ALA C 55 18.90 -9.16 -16.26
C ALA C 55 19.10 -9.06 -14.77
N TYR C 56 18.52 -8.03 -14.17
CA TYR C 56 18.62 -7.86 -12.72
C TYR C 56 17.44 -7.14 -12.09
N LYS C 57 17.38 -7.25 -10.76
CA LYS C 57 16.33 -6.63 -9.98
C LYS C 57 17.04 -5.89 -8.88
N ASN C 58 16.75 -4.61 -8.75
CA ASN C 58 17.34 -3.78 -7.72
C ASN C 58 16.60 -4.02 -6.42
N VAL C 59 17.33 -4.39 -5.38
CA VAL C 59 16.72 -4.64 -4.08
C VAL C 59 16.82 -3.37 -3.24
N SER C 60 15.67 -2.77 -2.94
CA SER C 60 15.65 -1.56 -2.16
C SER C 60 14.86 -1.75 -0.89
N ILE C 61 15.19 -1.02 0.17
CA ILE C 61 14.45 -1.19 1.41
C ILE C 61 13.06 -0.60 1.19
N ASN C 62 12.97 0.26 0.18
CA ASN C 62 11.70 0.90 -0.09
C ASN C 62 10.74 0.06 -0.92
N GLU C 63 10.74 -1.24 -0.68
CA GLU C 63 9.82 -2.12 -1.38
C GLU C 63 8.76 -2.56 -0.36
N PRO C 64 7.52 -2.80 -0.80
CA PRO C 64 6.44 -3.20 0.10
C PRO C 64 6.52 -4.50 0.89
N PHE C 65 7.33 -5.46 0.44
CA PHE C 65 7.39 -6.72 1.17
C PHE C 65 8.34 -6.68 2.36
N PHE C 66 9.25 -5.71 2.38
CA PHE C 66 10.22 -5.66 3.48
C PHE C 66 9.62 -5.47 4.86
N ASN C 67 8.66 -4.57 5.01
CA ASN C 67 8.02 -4.39 6.32
C ASN C 67 7.49 -5.72 6.89
N GLY C 68 7.16 -6.67 6.03
CA GLY C 68 6.62 -7.93 6.52
C GLY C 68 7.59 -9.10 6.51
N HIS C 69 8.76 -8.91 5.92
CA HIS C 69 9.74 -9.99 5.82
C HIS C 69 11.20 -9.50 5.96
N PHE C 70 11.65 -9.16 7.16
CA PHE C 70 10.86 -9.20 8.40
C PHE C 70 11.06 -7.88 9.10
N PRO C 71 10.15 -7.53 10.02
CA PRO C 71 10.31 -6.26 10.73
C PRO C 71 11.64 -6.31 11.45
N GLU C 72 12.49 -5.30 11.26
CA GLU C 72 13.77 -5.28 11.95
C GLU C 72 14.85 -6.18 11.35
N HIS C 73 14.51 -6.92 10.30
CA HIS C 73 15.48 -7.80 9.67
C HIS C 73 15.05 -7.95 8.22
N PRO C 74 15.31 -6.93 7.39
CA PRO C 74 14.92 -7.01 5.98
C PRO C 74 15.67 -8.08 5.24
N ILE C 75 14.94 -9.03 4.66
CA ILE C 75 15.54 -10.12 3.91
C ILE C 75 14.60 -10.41 2.76
N PRO C 77 12.42 -12.20 0.39
CA PRO C 77 11.88 -13.57 0.39
C PRO C 77 12.52 -14.37 -0.72
N GLY C 78 12.93 -15.59 -0.39
CA GLY C 78 13.54 -16.43 -1.39
C GLY C 78 12.55 -16.69 -2.52
N VAL C 79 11.28 -16.86 -2.17
CA VAL C 79 10.27 -17.13 -3.18
C VAL C 79 10.21 -16.01 -4.20
N LEU C 80 10.59 -14.81 -3.79
CA LEU C 80 10.59 -13.70 -4.74
C LEU C 80 11.80 -13.82 -5.67
N ILE C 81 12.87 -14.44 -5.19
CA ILE C 81 14.05 -14.63 -6.02
C ILE C 81 13.64 -15.64 -7.09
N ILE C 82 12.92 -16.69 -6.69
CA ILE C 82 12.45 -17.67 -7.67
C ILE C 82 11.58 -16.93 -8.66
N GLU C 83 10.65 -16.14 -8.14
CA GLU C 83 9.74 -15.37 -8.98
C GLU C 83 10.51 -14.49 -9.95
N ALA C 84 11.57 -13.83 -9.46
CA ALA C 84 12.38 -12.97 -10.33
C ALA C 84 13.05 -13.80 -11.44
N ALA C 86 11.97 -16.77 -12.74
CA ALA C 86 10.94 -17.21 -13.67
C ALA C 86 10.52 -16.08 -14.60
N GLN C 87 10.52 -14.86 -14.07
CA GLN C 87 10.13 -13.72 -14.89
C GLN C 87 11.22 -13.40 -15.91
N ALA C 88 12.47 -13.67 -15.54
CA ALA C 88 13.60 -13.43 -16.43
C ALA C 88 13.45 -14.42 -17.58
N ALA C 89 13.26 -15.69 -17.25
CA ALA C 89 13.07 -16.72 -18.26
C ALA C 89 11.88 -16.34 -19.13
N GLY C 90 10.78 -15.97 -18.49
CA GLY C 90 9.59 -15.58 -19.21
C GLY C 90 9.85 -14.57 -20.30
N ILE C 91 10.63 -13.54 -20.02
CA ILE C 91 10.93 -12.52 -21.03
C ILE C 91 11.59 -13.17 -22.24
N LEU C 92 12.57 -14.03 -21.98
CA LEU C 92 13.27 -14.75 -23.03
C LEU C 92 12.30 -15.55 -23.88
N GLY C 93 11.42 -16.31 -23.23
CA GLY C 93 10.44 -17.08 -23.96
C GLY C 93 9.60 -16.21 -24.87
N PHE C 94 8.94 -15.20 -24.30
CA PHE C 94 8.10 -14.31 -25.09
C PHE C 94 8.85 -13.75 -26.28
N LYS C 95 10.12 -13.44 -26.08
CA LYS C 95 10.93 -12.87 -27.16
C LYS C 95 11.19 -13.92 -28.24
N LEU C 97 9.37 -16.07 -29.40
CA LEU C 97 8.22 -16.29 -30.28
C LEU C 97 7.40 -15.02 -30.54
N ASP C 98 7.98 -13.85 -30.27
CA ASP C 98 7.27 -12.59 -30.47
C ASP C 98 5.86 -12.74 -29.92
N VAL C 99 5.76 -12.88 -28.60
CA VAL C 99 4.48 -13.04 -27.93
C VAL C 99 4.12 -11.77 -27.15
N LYS C 100 3.17 -11.02 -27.67
CA LYS C 100 2.72 -9.79 -27.02
C LYS C 100 1.24 -9.91 -26.65
N ASP C 103 -2.16 -8.56 -26.83
CA ASP C 103 -2.30 -9.76 -25.96
C ASP C 103 -1.47 -9.63 -24.67
N GLY C 104 -1.44 -10.70 -23.88
CA GLY C 104 -0.68 -10.68 -22.64
C GLY C 104 -0.26 -12.02 -22.05
N THR C 105 -1.06 -13.07 -22.26
CA THR C 105 -0.80 -14.43 -21.74
C THR C 105 0.65 -14.72 -21.33
N LEU C 106 0.83 -15.51 -20.29
CA LEU C 106 2.17 -15.81 -19.78
C LEU C 106 2.62 -17.27 -19.65
N TYR C 107 3.89 -17.42 -19.28
CA TYR C 107 4.52 -18.72 -19.05
C TYR C 107 4.23 -19.11 -17.60
N TYR C 108 3.11 -19.80 -17.39
CA TYR C 108 2.66 -20.25 -16.08
C TYR C 108 3.66 -21.18 -15.37
N PHE C 109 4.31 -20.64 -14.33
CA PHE C 109 5.31 -21.35 -13.53
C PHE C 109 4.68 -22.61 -12.95
N VAL C 110 5.07 -23.78 -13.48
CA VAL C 110 4.48 -25.04 -13.02
C VAL C 110 5.36 -26.00 -12.22
N GLY C 111 6.64 -25.69 -12.07
CA GLY C 111 7.47 -26.58 -11.29
C GLY C 111 8.97 -26.36 -11.29
N SER C 112 9.65 -27.27 -10.60
CA SER C 112 11.10 -27.24 -10.49
C SER C 112 11.52 -28.51 -9.77
N ASP C 113 12.46 -29.24 -10.33
CA ASP C 113 12.91 -30.49 -9.72
C ASP C 113 13.89 -30.23 -8.60
N LYS C 114 14.80 -29.29 -8.83
CA LYS C 114 15.76 -28.95 -7.79
C LYS C 114 15.94 -27.45 -7.76
N LEU C 115 15.96 -26.93 -6.53
CA LEU C 115 16.11 -25.51 -6.27
C LEU C 115 16.87 -25.39 -4.93
N ARG C 116 17.82 -24.48 -4.88
CA ARG C 116 18.63 -24.30 -3.68
C ARG C 116 18.98 -22.82 -3.46
N PHE C 117 19.16 -22.43 -2.21
CA PHE C 117 19.54 -21.05 -1.88
C PHE C 117 20.88 -21.09 -1.14
N ARG C 118 21.69 -20.04 -1.28
CA ARG C 118 22.99 -19.98 -0.61
C ARG C 118 22.96 -18.86 0.41
N GLN C 119 23.25 -17.63 -0.01
CA GLN C 119 23.22 -16.51 0.91
C GLN C 119 21.98 -15.64 0.70
N PRO C 120 21.41 -15.11 1.79
CA PRO C 120 20.23 -14.27 1.65
C PRO C 120 20.52 -13.00 0.86
N VAL C 121 19.49 -12.42 0.25
CA VAL C 121 19.63 -11.21 -0.51
C VAL C 121 19.19 -10.10 0.42
N LEU C 122 19.86 -8.95 0.34
CA LEU C 122 19.54 -7.86 1.27
C LEU C 122 19.35 -6.53 0.57
N PRO C 123 18.70 -5.57 1.25
CA PRO C 123 18.48 -4.25 0.65
C PRO C 123 19.84 -3.74 0.20
N GLY C 124 19.91 -3.16 -0.99
CA GLY C 124 21.18 -2.65 -1.47
C GLY C 124 21.79 -3.57 -2.52
N ASP C 125 21.46 -4.86 -2.43
CA ASP C 125 21.99 -5.80 -3.39
C ASP C 125 21.37 -5.53 -4.75
N GLN C 126 22.03 -6.05 -5.78
CA GLN C 126 21.53 -5.95 -7.14
C GLN C 126 21.43 -7.43 -7.51
N LEU C 127 20.23 -7.97 -7.46
CA LEU C 127 20.03 -9.38 -7.76
C LEU C 127 20.22 -9.64 -9.25
N GLN C 128 21.28 -10.36 -9.59
CA GLN C 128 21.61 -10.69 -10.98
C GLN C 128 20.89 -11.97 -11.38
N LEU C 129 20.10 -11.88 -12.45
CA LEU C 129 19.30 -13.01 -12.94
C LEU C 129 19.80 -13.59 -14.26
N HIS C 130 19.94 -14.91 -14.30
CA HIS C 130 20.38 -15.62 -15.49
C HIS C 130 19.41 -16.75 -15.85
N ALA C 131 18.98 -16.77 -17.10
CA ALA C 131 18.07 -17.83 -17.56
C ALA C 131 18.59 -18.33 -18.90
N LYS C 132 18.71 -19.65 -19.03
CA LYS C 132 19.18 -20.25 -20.26
C LYS C 132 18.17 -21.26 -20.77
N PHE C 133 17.59 -21.00 -21.93
CA PHE C 133 16.59 -21.89 -22.52
C PHE C 133 17.19 -23.27 -22.71
N ILE C 134 16.42 -24.29 -22.37
CA ILE C 134 16.88 -25.66 -22.52
C ILE C 134 16.06 -26.39 -23.60
N SER C 135 14.75 -26.48 -23.40
CA SER C 135 13.90 -27.16 -24.38
C SER C 135 12.44 -26.84 -24.17
N VAL C 136 11.58 -27.46 -24.98
CA VAL C 136 10.14 -27.26 -24.89
C VAL C 136 9.39 -28.41 -25.58
N LYS C 137 8.86 -29.32 -24.77
CA LYS C 137 8.12 -30.50 -25.24
C LYS C 137 6.67 -30.48 -24.76
N ARG C 138 5.73 -30.45 -25.70
CA ARG C 138 4.30 -30.44 -25.37
C ARG C 138 3.89 -29.05 -24.87
N SER C 139 4.71 -28.06 -25.24
CA SER C 139 4.51 -26.67 -24.85
C SER C 139 4.90 -26.47 -23.38
N ILE C 140 5.73 -27.39 -22.89
CA ILE C 140 6.22 -27.33 -21.52
C ILE C 140 7.68 -26.89 -21.59
N TRP C 141 7.95 -25.69 -21.11
CA TRP C 141 9.31 -25.14 -21.15
C TRP C 141 10.14 -25.43 -19.90
N LYS C 142 11.42 -25.67 -20.11
CA LYS C 142 12.36 -25.90 -19.03
C LYS C 142 13.46 -24.89 -19.25
N PHE C 143 13.85 -24.19 -18.18
CA PHE C 143 14.92 -23.21 -18.25
C PHE C 143 15.90 -23.52 -17.13
N ASP C 144 17.13 -23.09 -17.32
CA ASP C 144 18.17 -23.31 -16.32
C ASP C 144 18.49 -21.92 -15.81
N CYS C 145 18.08 -21.62 -14.57
CA CYS C 145 18.29 -20.28 -14.01
C CYS C 145 19.21 -20.20 -12.80
N HIS C 146 19.89 -19.07 -12.68
CA HIS C 146 20.78 -18.79 -11.56
C HIS C 146 20.62 -17.34 -11.17
N ALA C 147 20.76 -17.06 -9.88
CA ALA C 147 20.68 -15.69 -9.38
C ALA C 147 21.98 -15.46 -8.62
N THR C 148 22.53 -14.26 -8.73
CA THR C 148 23.78 -13.98 -8.03
C THR C 148 23.82 -12.53 -7.58
N VAL C 149 24.59 -12.28 -6.51
CA VAL C 149 24.81 -10.94 -5.97
C VAL C 149 26.33 -10.77 -5.91
N ASP C 150 26.84 -9.65 -6.41
CA ASP C 150 28.28 -9.41 -6.39
C ASP C 150 29.01 -10.67 -6.90
N ASP C 151 28.44 -11.27 -7.93
CA ASP C 151 29.02 -12.47 -8.54
C ASP C 151 29.05 -13.73 -7.68
N LYS C 152 28.65 -13.63 -6.43
CA LYS C 152 28.59 -14.79 -5.56
C LYS C 152 27.22 -15.44 -5.81
N PRO C 153 27.15 -16.77 -5.88
CA PRO C 153 25.88 -17.44 -6.12
C PRO C 153 24.90 -17.29 -4.95
N VAL C 154 23.66 -16.98 -5.29
CA VAL C 154 22.61 -16.79 -4.30
C VAL C 154 21.49 -17.82 -4.42
N CYS C 155 21.15 -18.18 -5.66
CA CYS C 155 20.11 -19.16 -5.89
C CYS C 155 20.27 -19.76 -7.27
N SER C 156 19.88 -21.02 -7.39
CA SER C 156 19.95 -21.75 -8.65
C SER C 156 18.76 -22.69 -8.71
N ALA C 157 18.23 -22.92 -9.91
CA ALA C 157 17.08 -23.81 -10.06
C ALA C 157 16.69 -24.01 -11.51
N GLU C 158 16.04 -25.14 -11.77
CA GLU C 158 15.56 -25.45 -13.12
C GLU C 158 14.08 -25.09 -13.11
N ILE C 159 13.73 -24.04 -13.86
CA ILE C 159 12.35 -23.57 -13.93
C ILE C 159 11.56 -24.23 -15.05
N ILE C 160 10.35 -24.65 -14.72
CA ILE C 160 9.44 -25.28 -15.66
C ILE C 160 8.21 -24.39 -15.83
N CYS C 161 7.98 -23.93 -17.05
CA CYS C 161 6.82 -23.07 -17.35
C CYS C 161 5.98 -23.75 -18.42
N ALA C 162 4.68 -23.43 -18.44
CA ALA C 162 3.79 -24.02 -19.42
C ALA C 162 2.90 -22.94 -20.02
N GLU C 163 3.10 -22.65 -21.31
CA GLU C 163 2.31 -21.65 -22.01
C GLU C 163 0.82 -21.83 -21.76
N ARG C 164 0.14 -20.72 -21.53
CA ARG C 164 -1.30 -20.70 -21.28
C ARG C 164 -1.84 -19.29 -21.43
N LYS C 165 -3.12 -19.18 -21.79
CA LYS C 165 -3.77 -17.89 -21.96
C LYS C 165 -4.47 -17.46 -20.68
N LEU C 166 -4.14 -16.27 -20.19
CA LEU C 166 -4.74 -15.74 -18.97
C LEU C 166 -6.26 -15.66 -19.14
N GLY C 167 -6.97 -16.50 -18.38
CA GLY C 167 -8.42 -16.53 -18.45
C GLY C 167 -8.94 -17.95 -18.65
N SER C 168 -8.11 -18.80 -19.28
CA SER C 168 -8.44 -20.20 -19.57
C SER C 168 -9.12 -20.90 -18.39
N ASP D 23 -5.34 -19.36 16.32
CA ASP D 23 -5.86 -18.17 15.68
C ASP D 23 -4.66 -17.38 15.15
N ILE D 24 -4.93 -16.29 14.44
CA ILE D 24 -3.87 -15.49 13.84
C ILE D 24 -2.84 -14.96 14.85
N ASN D 25 -3.27 -14.60 16.04
CA ASN D 25 -2.32 -14.08 17.04
C ASN D 25 -1.35 -15.10 17.61
N GLU D 26 -1.78 -16.35 17.68
CA GLU D 26 -0.93 -17.41 18.18
C GLU D 26 0.08 -17.68 17.08
N ILE D 27 -0.38 -17.65 15.85
CA ILE D 27 0.48 -17.85 14.70
C ILE D 27 1.57 -16.78 14.69
N ARG D 28 1.19 -15.54 14.98
CA ARG D 28 2.18 -14.48 14.98
C ARG D 28 3.16 -14.57 16.14
N GLU D 29 2.89 -15.47 17.08
CA GLU D 29 3.82 -15.67 18.20
C GLU D 29 4.94 -16.60 17.72
N TYR D 30 4.63 -17.45 16.74
CA TYR D 30 5.59 -18.41 16.19
C TYR D 30 6.29 -17.91 14.94
N LEU D 31 5.54 -17.24 14.07
CA LEU D 31 6.10 -16.73 12.84
C LEU D 31 6.37 -15.24 12.94
N PRO D 32 7.59 -14.81 12.60
CA PRO D 32 7.94 -13.39 12.66
C PRO D 32 7.40 -12.60 11.47
N HIS D 33 6.88 -13.33 10.46
CA HIS D 33 6.33 -12.69 9.26
C HIS D 33 5.19 -11.74 9.58
N ARG D 34 5.01 -10.72 8.76
CA ARG D 34 3.94 -9.74 8.97
C ARG D 34 3.47 -9.25 7.60
N TYR D 35 2.47 -8.37 7.57
CA TYR D 35 1.94 -7.85 6.32
C TYR D 35 3.06 -7.21 5.52
N PRO D 36 3.13 -7.47 4.20
CA PRO D 36 2.19 -8.34 3.47
C PRO D 36 2.78 -9.73 3.19
N PHE D 37 3.37 -10.36 4.19
CA PHE D 37 3.97 -11.68 3.97
C PHE D 37 3.63 -12.76 4.97
N LEU D 38 2.51 -12.60 5.65
CA LEU D 38 2.05 -13.61 6.60
C LEU D 38 0.99 -14.32 5.77
N LEU D 39 1.31 -15.55 5.36
CA LEU D 39 0.42 -16.30 4.50
C LEU D 39 -0.25 -17.57 5.07
N VAL D 40 -0.53 -17.56 6.37
CA VAL D 40 -1.22 -18.67 7.05
C VAL D 40 -2.29 -17.95 7.87
N ASP D 41 -3.57 -18.17 7.57
CA ASP D 41 -4.63 -17.49 8.32
C ASP D 41 -5.18 -18.28 9.48
N ARG D 42 -4.97 -19.58 9.47
CA ARG D 42 -5.47 -20.39 10.58
C ARG D 42 -4.87 -21.79 10.55
N VAL D 43 -4.54 -22.31 11.73
CA VAL D 43 -4.02 -23.67 11.85
C VAL D 43 -5.20 -24.46 12.39
N VAL D 44 -5.67 -25.46 11.64
CA VAL D 44 -6.83 -26.24 12.08
C VAL D 44 -6.50 -27.52 12.84
N GLU D 45 -5.45 -28.21 12.45
CA GLU D 45 -5.08 -29.44 13.16
C GLU D 45 -3.57 -29.53 13.36
N LEU D 46 -3.17 -30.08 14.50
CA LEU D 46 -1.76 -30.24 14.82
C LEU D 46 -1.51 -31.65 15.34
N ASP D 47 -1.18 -32.57 14.45
CA ASP D 47 -0.92 -33.96 14.81
C ASP D 47 0.55 -34.15 15.13
N ILE D 48 0.91 -34.00 16.39
CA ILE D 48 2.29 -34.16 16.81
C ILE D 48 2.80 -35.60 16.81
N GLU D 49 1.99 -36.54 17.29
CA GLU D 49 2.45 -37.93 17.26
C GLU D 49 2.78 -38.32 15.82
N GLY D 50 2.01 -37.78 14.86
CA GLY D 50 2.23 -38.09 13.46
C GLY D 50 3.03 -37.03 12.73
N LYS D 51 3.53 -36.04 13.46
CA LYS D 51 4.34 -34.96 12.91
C LYS D 51 3.81 -34.29 11.63
N ARG D 52 2.56 -33.84 11.67
CA ARG D 52 1.95 -33.17 10.53
C ARG D 52 1.06 -32.04 10.99
N ILE D 53 0.81 -31.11 10.09
CA ILE D 53 -0.01 -29.96 10.42
C ILE D 53 -0.97 -29.66 9.28
N ARG D 54 -2.15 -29.15 9.63
CA ARG D 54 -3.15 -28.77 8.63
C ARG D 54 -3.57 -27.36 9.00
N ALA D 55 -3.42 -26.47 8.03
CA ALA D 55 -3.75 -25.07 8.23
C ALA D 55 -4.27 -24.56 6.90
N TYR D 56 -4.65 -23.29 6.85
CA TYR D 56 -5.12 -22.73 5.59
C TYR D 56 -4.92 -21.24 5.47
N LYS D 57 -4.98 -20.76 4.24
CA LYS D 57 -4.84 -19.36 3.93
C LYS D 57 -6.06 -19.02 3.09
N ASN D 58 -6.75 -17.93 3.42
CA ASN D 58 -7.93 -17.49 2.66
C ASN D 58 -7.43 -16.62 1.51
N VAL D 59 -7.88 -16.90 0.30
CA VAL D 59 -7.48 -16.09 -0.85
C VAL D 59 -8.61 -15.09 -1.07
N SER D 60 -8.26 -13.81 -1.17
CA SER D 60 -9.24 -12.77 -1.36
C SER D 60 -8.71 -11.76 -2.35
N ILE D 61 -9.61 -11.18 -3.15
CA ILE D 61 -9.16 -10.21 -4.12
C ILE D 61 -8.66 -8.98 -3.38
N ASN D 62 -8.91 -8.91 -2.08
CA ASN D 62 -8.46 -7.75 -1.32
C ASN D 62 -7.09 -7.96 -0.70
N GLU D 63 -6.17 -8.48 -1.51
CA GLU D 63 -4.80 -8.71 -1.06
C GLU D 63 -3.94 -7.90 -2.02
N PRO D 64 -2.91 -7.22 -1.50
CA PRO D 64 -1.99 -6.39 -2.27
C PRO D 64 -1.40 -6.95 -3.55
N PHE D 65 -1.08 -8.25 -3.57
CA PHE D 65 -0.44 -8.85 -4.74
C PHE D 65 -1.31 -9.06 -5.98
N PHE D 66 -2.63 -9.08 -5.82
CA PHE D 66 -3.49 -9.33 -6.96
C PHE D 66 -3.49 -8.25 -8.04
N ASN D 67 -3.30 -6.99 -7.69
CA ASN D 67 -3.30 -5.96 -8.73
C ASN D 67 -2.16 -6.15 -9.71
N GLY D 68 -1.09 -6.83 -9.29
CA GLY D 68 0.04 -7.04 -10.15
C GLY D 68 0.24 -8.46 -10.67
N HIS D 69 -0.65 -9.37 -10.29
CA HIS D 69 -0.54 -10.76 -10.72
C HIS D 69 -1.90 -11.43 -10.93
N PHE D 70 -2.64 -11.03 -11.98
CA PHE D 70 -2.26 -10.00 -12.95
C PHE D 70 -3.46 -9.13 -13.20
N PRO D 71 -3.23 -7.93 -13.76
CA PRO D 71 -4.30 -6.98 -14.08
C PRO D 71 -5.38 -7.70 -14.88
N GLU D 72 -6.62 -7.66 -14.40
CA GLU D 72 -7.74 -8.30 -15.08
C GLU D 72 -7.70 -9.83 -15.10
N HIS D 73 -6.75 -10.42 -14.39
CA HIS D 73 -6.65 -11.88 -14.32
C HIS D 73 -5.98 -12.24 -13.01
N PRO D 74 -6.73 -12.18 -11.91
CA PRO D 74 -6.19 -12.51 -10.59
C PRO D 74 -5.87 -13.99 -10.39
N ILE D 75 -4.59 -14.28 -10.15
CA ILE D 75 -4.13 -15.63 -9.91
C ILE D 75 -3.10 -15.54 -8.80
N PRO D 77 0.11 -16.01 -6.95
CA PRO D 77 1.45 -16.44 -7.39
C PRO D 77 1.80 -17.82 -6.85
N GLY D 78 2.33 -18.70 -7.69
CA GLY D 78 2.71 -20.01 -7.20
C GLY D 78 3.74 -19.88 -6.10
N VAL D 79 4.67 -18.94 -6.27
CA VAL D 79 5.72 -18.73 -5.27
C VAL D 79 5.11 -18.37 -3.93
N LEU D 80 3.98 -17.67 -3.92
CA LEU D 80 3.37 -17.35 -2.63
C LEU D 80 2.76 -18.62 -2.01
N ILE D 81 2.34 -19.56 -2.85
CA ILE D 81 1.80 -20.80 -2.32
C ILE D 81 2.92 -21.55 -1.60
N ILE D 82 4.12 -21.52 -2.17
CA ILE D 82 5.26 -22.19 -1.57
C ILE D 82 5.54 -21.57 -0.22
N GLU D 83 5.54 -20.24 -0.21
CA GLU D 83 5.78 -19.43 0.98
C GLU D 83 4.82 -19.84 2.09
N ALA D 84 3.56 -20.01 1.74
CA ALA D 84 2.55 -20.41 2.73
C ALA D 84 2.85 -21.78 3.33
N ALA D 86 5.92 -23.30 3.50
CA ALA D 86 7.13 -23.20 4.30
C ALA D 86 6.76 -22.62 5.66
N GLN D 87 5.87 -21.64 5.65
CA GLN D 87 5.42 -21.01 6.88
C GLN D 87 4.68 -21.98 7.77
N ALA D 88 3.81 -22.81 7.20
CA ALA D 88 3.07 -23.78 8.01
C ALA D 88 4.04 -24.83 8.54
N ALA D 89 5.01 -25.21 7.72
CA ALA D 89 6.00 -26.20 8.11
C ALA D 89 6.68 -25.75 9.39
N GLY D 90 7.15 -24.50 9.38
CA GLY D 90 7.83 -23.96 10.55
C GLY D 90 7.01 -24.07 11.82
N ILE D 91 5.73 -23.69 11.75
CA ILE D 91 4.91 -23.79 12.94
C ILE D 91 4.98 -25.23 13.46
N LEU D 92 4.87 -26.19 12.54
CA LEU D 92 4.95 -27.61 12.91
C LEU D 92 6.27 -27.95 13.60
N GLY D 93 7.37 -27.44 13.05
CA GLY D 93 8.68 -27.70 13.63
C GLY D 93 8.77 -27.27 15.07
N PHE D 94 8.35 -26.04 15.35
CA PHE D 94 8.41 -25.52 16.69
C PHE D 94 7.50 -26.32 17.59
N LYS D 95 6.31 -26.61 17.09
CA LYS D 95 5.34 -27.36 17.86
C LYS D 95 5.83 -28.76 18.25
N LEU D 97 8.66 -29.77 19.13
CA LEU D 97 9.62 -29.76 20.23
C LEU D 97 9.28 -28.82 21.37
N ASP D 98 8.02 -28.40 21.45
CA ASP D 98 7.55 -27.50 22.49
C ASP D 98 8.34 -26.20 22.61
N VAL D 99 8.74 -25.65 21.47
CA VAL D 99 9.49 -24.42 21.45
C VAL D 99 8.56 -23.19 21.46
N LYS D 100 8.90 -22.19 22.25
CA LYS D 100 8.07 -20.98 22.30
C LYS D 100 8.88 -19.77 21.82
N PRO D 101 9.18 -19.68 20.52
CA PRO D 101 9.95 -18.51 20.07
C PRO D 101 9.10 -17.25 20.18
N GLY D 104 13.35 -16.03 18.90
CA GLY D 104 13.82 -15.38 17.63
C GLY D 104 14.39 -16.36 16.62
N THR D 105 13.75 -17.53 16.51
CA THR D 105 14.19 -18.56 15.59
C THR D 105 13.35 -18.52 14.33
N LEU D 106 13.96 -18.82 13.19
CA LEU D 106 13.22 -18.82 11.93
C LEU D 106 13.65 -19.98 11.09
N TYR D 107 12.70 -20.63 10.44
CA TYR D 107 13.04 -21.73 9.55
C TYR D 107 13.25 -21.10 8.18
N TYR D 108 14.50 -20.84 7.80
CA TYR D 108 14.79 -20.26 6.49
C TYR D 108 14.53 -21.28 5.39
N PHE D 109 13.92 -20.81 4.31
CA PHE D 109 13.65 -21.65 3.16
C PHE D 109 14.98 -21.74 2.41
N VAL D 110 15.68 -22.88 2.50
CA VAL D 110 16.97 -23.00 1.83
C VAL D 110 17.00 -23.84 0.56
N GLY D 111 15.87 -24.45 0.21
CA GLY D 111 15.84 -25.24 -1.00
C GLY D 111 14.58 -26.06 -1.18
N SER D 112 14.47 -26.69 -2.34
CA SER D 112 13.31 -27.50 -2.63
C SER D 112 13.60 -28.55 -3.68
N ASP D 113 12.92 -29.68 -3.58
CA ASP D 113 13.04 -30.76 -4.54
C ASP D 113 11.66 -31.02 -5.15
N LYS D 114 11.64 -31.54 -6.37
CA LYS D 114 10.39 -31.86 -7.07
C LYS D 114 9.16 -31.01 -6.72
N LEU D 115 9.29 -29.69 -6.87
CA LEU D 115 8.19 -28.78 -6.60
C LEU D 115 7.29 -28.74 -7.84
N ARG D 116 5.99 -28.98 -7.64
CA ARG D 116 5.01 -28.99 -8.73
C ARG D 116 3.67 -28.30 -8.46
N PHE D 117 3.14 -27.63 -9.48
CA PHE D 117 1.84 -26.93 -9.40
C PHE D 117 0.83 -27.57 -10.36
N ARG D 118 -0.32 -27.99 -9.85
CA ARG D 118 -1.34 -28.60 -10.71
C ARG D 118 -2.26 -27.53 -11.30
N GLN D 119 -3.07 -26.91 -10.46
CA GLN D 119 -3.99 -25.88 -10.93
C GLN D 119 -3.81 -24.56 -10.19
N PRO D 120 -4.17 -23.45 -10.84
CA PRO D 120 -4.02 -22.15 -10.17
C PRO D 120 -5.01 -21.92 -9.03
N VAL D 121 -4.60 -21.12 -8.06
CA VAL D 121 -5.39 -20.77 -6.89
C VAL D 121 -6.03 -19.43 -7.22
N LEU D 122 -7.34 -19.31 -6.95
CA LEU D 122 -8.08 -18.10 -7.30
C LEU D 122 -8.81 -17.41 -6.15
N PRO D 123 -9.13 -16.12 -6.34
CA PRO D 123 -9.84 -15.41 -5.28
C PRO D 123 -11.09 -16.22 -4.94
N GLY D 124 -11.36 -16.36 -3.65
CA GLY D 124 -12.51 -17.12 -3.22
C GLY D 124 -12.09 -18.48 -2.69
N ASP D 125 -10.91 -18.97 -3.10
CA ASP D 125 -10.41 -20.27 -2.65
C ASP D 125 -9.92 -20.28 -1.21
N GLN D 126 -10.00 -21.44 -0.58
CA GLN D 126 -9.46 -21.60 0.77
C GLN D 126 -8.26 -22.51 0.49
N LEU D 127 -7.06 -21.95 0.55
CA LEU D 127 -5.86 -22.74 0.27
C LEU D 127 -5.52 -23.60 1.46
N GLN D 128 -5.72 -24.91 1.31
CA GLN D 128 -5.42 -25.84 2.39
C GLN D 128 -3.95 -26.17 2.36
N LEU D 129 -3.31 -26.11 3.52
CA LEU D 129 -1.88 -26.39 3.61
C LEU D 129 -1.60 -27.58 4.51
N HIS D 130 -0.80 -28.52 4.01
CA HIS D 130 -0.41 -29.70 4.77
C HIS D 130 1.11 -29.76 4.74
N ALA D 131 1.72 -30.07 5.87
CA ALA D 131 3.17 -30.21 5.94
C ALA D 131 3.44 -31.41 6.84
N LYS D 132 4.30 -32.30 6.38
CA LYS D 132 4.64 -33.49 7.15
C LYS D 132 6.15 -33.64 7.29
N PHE D 133 6.59 -33.88 8.51
CA PHE D 133 7.99 -34.06 8.82
C PHE D 133 8.59 -35.27 8.10
N ILE D 134 9.69 -35.06 7.39
CA ILE D 134 10.37 -36.16 6.70
C ILE D 134 11.60 -36.53 7.49
N SER D 135 12.47 -35.54 7.73
CA SER D 135 13.69 -35.81 8.48
C SER D 135 14.36 -34.52 8.92
N VAL D 136 15.41 -34.69 9.72
CA VAL D 136 16.18 -33.56 10.18
C VAL D 136 17.61 -34.00 10.41
N LYS D 137 18.56 -33.20 9.96
CA LYS D 137 19.98 -33.47 10.17
C LYS D 137 20.50 -32.18 10.74
N ARG D 138 20.57 -32.11 12.07
CA ARG D 138 21.04 -30.93 12.78
C ARG D 138 20.12 -29.72 12.55
N SER D 139 20.61 -28.67 11.88
CA SER D 139 19.77 -27.50 11.68
C SER D 139 19.02 -27.50 10.37
N ILE D 140 19.16 -28.57 9.60
CA ILE D 140 18.49 -28.68 8.30
C ILE D 140 17.26 -29.59 8.36
N TRP D 141 16.07 -29.00 8.23
CA TRP D 141 14.83 -29.77 8.28
C TRP D 141 14.23 -29.98 6.89
N LYS D 142 13.62 -31.16 6.69
CA LYS D 142 12.97 -31.48 5.42
C LYS D 142 11.52 -31.84 5.65
N PHE D 143 10.60 -31.15 4.99
CA PHE D 143 9.18 -31.42 5.15
C PHE D 143 8.54 -31.85 3.84
N ASP D 144 7.48 -32.63 3.94
CA ASP D 144 6.73 -33.09 2.79
C ASP D 144 5.49 -32.19 2.77
N CYS D 145 5.37 -31.37 1.74
CA CYS D 145 4.26 -30.41 1.70
C CYS D 145 3.28 -30.53 0.55
N HIS D 146 2.06 -30.10 0.83
CA HIS D 146 0.99 -30.13 -0.16
C HIS D 146 0.02 -29.00 0.11
N ALA D 147 -0.65 -28.56 -0.94
CA ALA D 147 -1.64 -27.51 -0.87
C ALA D 147 -2.77 -27.99 -1.75
N THR D 148 -4.00 -27.77 -1.31
CA THR D 148 -5.17 -28.22 -2.04
C THR D 148 -6.31 -27.22 -1.88
N VAL D 149 -7.19 -27.16 -2.89
CA VAL D 149 -8.36 -26.29 -2.85
C VAL D 149 -9.55 -27.25 -2.99
N ASP D 150 -10.45 -27.24 -2.02
CA ASP D 150 -11.60 -28.14 -2.05
C ASP D 150 -11.08 -29.59 -2.17
N ASP D 151 -10.04 -29.89 -1.41
CA ASP D 151 -9.42 -31.21 -1.39
C ASP D 151 -8.87 -31.67 -2.75
N LYS D 152 -8.65 -30.74 -3.66
CA LYS D 152 -8.08 -31.09 -4.94
C LYS D 152 -6.62 -30.63 -4.91
N PRO D 153 -5.69 -31.46 -5.42
CA PRO D 153 -4.29 -31.07 -5.41
C PRO D 153 -4.03 -29.79 -6.21
N VAL D 154 -3.26 -28.88 -5.63
CA VAL D 154 -2.94 -27.61 -6.26
C VAL D 154 -1.43 -27.41 -6.34
N CYS D 155 -0.72 -27.96 -5.38
CA CYS D 155 0.72 -27.84 -5.34
C CYS D 155 1.31 -28.83 -4.37
N SER D 156 2.54 -29.25 -4.62
CA SER D 156 3.22 -30.20 -3.73
C SER D 156 4.71 -30.02 -3.86
N ALA D 157 5.43 -30.31 -2.78
CA ALA D 157 6.87 -30.15 -2.79
C ALA D 157 7.49 -30.63 -1.50
N GLU D 158 8.80 -30.81 -1.53
CA GLU D 158 9.57 -31.19 -0.35
C GLU D 158 10.31 -29.90 -0.03
N ILE D 159 9.94 -29.30 1.09
CA ILE D 159 10.51 -28.04 1.53
C ILE D 159 11.73 -28.33 2.41
N ILE D 160 12.80 -27.57 2.22
CA ILE D 160 14.02 -27.72 3.03
C ILE D 160 14.28 -26.42 3.78
N CYS D 161 14.29 -26.49 5.11
CA CYS D 161 14.52 -25.30 5.91
C CYS D 161 15.72 -25.43 6.83
N ALA D 162 16.31 -24.29 7.16
CA ALA D 162 17.44 -24.24 8.05
C ALA D 162 17.04 -23.43 9.27
N GLU D 163 16.88 -24.12 10.40
CA GLU D 163 16.49 -23.46 11.63
C GLU D 163 17.64 -22.54 12.05
N ARG D 164 17.39 -21.24 12.04
CA ARG D 164 18.43 -20.28 12.38
C ARG D 164 17.91 -19.11 13.20
N LYS D 165 18.86 -18.39 13.80
CA LYS D 165 18.52 -17.21 14.58
C LYS D 165 18.16 -16.15 13.55
N LEU D 166 17.03 -15.48 13.75
CA LEU D 166 16.61 -14.47 12.79
C LEU D 166 17.66 -13.35 12.66
N ASP E 23 24.90 -1.14 6.59
CA ASP E 23 23.76 -1.78 5.98
C ASP E 23 22.49 -1.04 6.37
N ILE E 24 21.34 -1.57 6.00
CA ILE E 24 20.08 -0.89 6.28
C ILE E 24 19.78 -0.74 7.78
N ASN E 25 20.11 -1.74 8.57
CA ASN E 25 19.84 -1.66 10.01
C ASN E 25 20.60 -0.56 10.74
N GLU E 26 21.86 -0.34 10.34
CA GLU E 26 22.67 0.69 10.97
C GLU E 26 22.07 2.02 10.51
N ILE E 27 21.84 2.11 9.20
CA ILE E 27 21.25 3.29 8.64
C ILE E 27 20.03 3.67 9.46
N ARG E 28 19.22 2.68 9.83
CA ARG E 28 18.00 2.92 10.59
C ARG E 28 18.23 3.26 12.07
N GLU E 29 19.49 3.16 12.52
CA GLU E 29 19.84 3.53 13.88
C GLU E 29 20.12 5.05 13.86
N TYR E 30 20.34 5.60 12.66
CA TYR E 30 20.65 7.01 12.51
C TYR E 30 19.52 7.85 11.96
N LEU E 31 18.65 7.22 11.17
CA LEU E 31 17.52 7.93 10.59
C LEU E 31 16.22 7.41 11.18
N PRO E 32 15.30 8.30 11.54
CA PRO E 32 14.04 7.79 12.09
C PRO E 32 13.10 7.41 10.93
N HIS E 33 13.46 7.84 9.72
CA HIS E 33 12.67 7.56 8.54
C HIS E 33 12.31 6.09 8.40
N ARG E 34 11.10 5.81 7.93
CA ARG E 34 10.67 4.44 7.73
C ARG E 34 9.90 4.32 6.42
N TYR E 35 9.49 3.11 6.06
CA TYR E 35 8.74 2.94 4.83
C TYR E 35 7.51 3.82 4.91
N PRO E 36 7.10 4.44 3.80
CA PRO E 36 7.70 4.37 2.47
C PRO E 36 8.56 5.61 2.26
N PHE E 37 9.34 6.00 3.26
CA PHE E 37 10.17 7.19 3.10
C PHE E 37 11.63 7.08 3.55
N LEU E 38 12.19 5.87 3.48
CA LEU E 38 13.59 5.68 3.82
C LEU E 38 14.23 5.55 2.45
N LEU E 39 14.96 6.57 2.03
CA LEU E 39 15.55 6.57 0.70
C LEU E 39 17.08 6.40 0.60
N VAL E 40 17.64 5.60 1.50
CA VAL E 40 19.08 5.31 1.47
C VAL E 40 19.18 3.81 1.73
N ASP E 41 19.64 3.06 0.73
CA ASP E 41 19.74 1.63 0.88
C ASP E 41 21.09 1.16 1.39
N ARG E 42 22.12 1.97 1.19
CA ARG E 42 23.45 1.60 1.67
C ARG E 42 24.41 2.78 1.68
N VAL E 43 25.33 2.76 2.63
CA VAL E 43 26.34 3.81 2.73
C VAL E 43 27.66 3.07 2.47
N VAL E 44 28.30 3.39 1.35
CA VAL E 44 29.54 2.72 0.95
C VAL E 44 30.81 3.32 1.56
N GLU E 45 30.84 4.64 1.70
CA GLU E 45 32.02 5.25 2.28
C GLU E 45 31.71 6.43 3.19
N LEU E 46 32.37 6.42 4.34
CA LEU E 46 32.19 7.47 5.32
C LEU E 46 33.55 8.14 5.52
N ASP E 47 33.83 9.14 4.70
CA ASP E 47 35.09 9.88 4.75
C ASP E 47 35.08 10.71 6.03
N ILE E 48 35.27 10.02 7.14
CA ILE E 48 35.26 10.60 8.48
C ILE E 48 35.92 11.97 8.62
N GLU E 49 37.10 12.14 8.02
CA GLU E 49 37.82 13.41 8.11
C GLU E 49 37.47 14.34 6.95
N GLY E 50 37.40 13.81 5.74
CA GLY E 50 37.07 14.64 4.58
C GLY E 50 35.72 15.30 4.76
N LYS E 51 35.01 14.91 5.82
CA LYS E 51 33.69 15.44 6.13
C LYS E 51 32.74 15.28 4.94
N ARG E 52 32.70 14.07 4.40
CA ARG E 52 31.82 13.76 3.27
C ARG E 52 31.36 12.29 3.33
N ILE E 53 30.25 11.99 2.65
CA ILE E 53 29.69 10.64 2.65
C ILE E 53 29.22 10.16 1.27
N ARG E 54 29.45 8.88 0.99
CA ARG E 54 29.02 8.28 -0.27
C ARG E 54 28.06 7.12 0.01
N ALA E 55 26.86 7.21 -0.52
CA ALA E 55 25.84 6.19 -0.32
C ALA E 55 24.97 6.04 -1.56
N TYR E 56 24.21 4.96 -1.64
CA TYR E 56 23.31 4.81 -2.77
C TYR E 56 21.91 4.36 -2.38
N LYS E 57 21.01 4.50 -3.35
CA LYS E 57 19.61 4.15 -3.19
C LYS E 57 19.31 3.37 -4.44
N ASN E 58 18.96 2.09 -4.29
CA ASN E 58 18.61 1.28 -5.45
C ASN E 58 17.23 1.76 -5.89
N VAL E 59 17.06 1.98 -7.19
CA VAL E 59 15.79 2.43 -7.71
C VAL E 59 15.22 1.21 -8.39
N SER E 60 14.04 0.79 -7.95
CA SER E 60 13.40 -0.37 -8.51
C SER E 60 11.97 -0.08 -8.92
N ILE E 61 11.48 -0.83 -9.88
CA ILE E 61 10.12 -0.61 -10.33
C ILE E 61 9.16 -1.04 -9.21
N ASN E 62 9.61 -1.94 -8.34
CA ASN E 62 8.76 -2.43 -7.24
C ASN E 62 8.71 -1.48 -6.05
N GLU E 63 8.61 -0.18 -6.31
CA GLU E 63 8.50 0.78 -5.23
C GLU E 63 7.10 1.40 -5.37
N PRO E 64 6.50 1.84 -4.25
CA PRO E 64 5.16 2.44 -4.26
C PRO E 64 4.86 3.75 -5.01
N PHE E 65 5.87 4.59 -5.22
CA PHE E 65 5.60 5.87 -5.89
C PHE E 65 5.56 5.80 -7.39
N PHE E 66 6.20 4.79 -7.97
CA PHE E 66 6.23 4.67 -9.42
C PHE E 66 4.86 4.65 -10.10
N ASN E 67 3.93 3.89 -9.56
CA ASN E 67 2.60 3.79 -10.14
C ASN E 67 1.95 5.14 -10.33
N GLY E 68 2.25 6.08 -9.45
CA GLY E 68 1.63 7.39 -9.59
C GLY E 68 2.53 8.44 -10.21
N HIS E 69 3.74 8.05 -10.60
CA HIS E 69 4.69 8.99 -11.18
C HIS E 69 5.63 8.36 -12.21
N PHE E 70 5.14 8.01 -13.41
CA PHE E 70 3.75 8.19 -13.81
C PHE E 70 3.26 6.90 -14.45
N PRO E 71 1.94 6.75 -14.60
CA PRO E 71 1.40 5.53 -15.23
C PRO E 71 2.03 5.42 -16.62
N GLU E 72 2.58 4.26 -16.96
CA GLU E 72 3.19 4.06 -18.29
C GLU E 72 4.57 4.68 -18.48
N HIS E 73 5.00 5.54 -17.56
CA HIS E 73 6.29 6.20 -17.69
C HIS E 73 6.93 6.41 -16.33
N PRO E 74 7.55 5.36 -15.78
CA PRO E 74 8.19 5.49 -14.47
C PRO E 74 9.40 6.40 -14.47
N ILE E 75 9.38 7.38 -13.57
CA ILE E 75 10.49 8.32 -13.42
C ILE E 75 10.54 8.65 -11.94
N PRO E 77 10.69 10.59 -8.77
CA PRO E 77 10.49 12.02 -8.51
C PRO E 77 11.79 12.72 -8.17
N GLY E 78 11.91 13.98 -8.55
CA GLY E 78 13.12 14.72 -8.23
C GLY E 78 13.16 15.07 -6.75
N VAL E 79 12.02 15.49 -6.23
CA VAL E 79 11.93 15.85 -4.83
C VAL E 79 12.38 14.68 -3.98
N LEU E 80 12.14 13.48 -4.48
CA LEU E 80 12.54 12.27 -3.75
C LEU E 80 14.05 12.11 -3.82
N ILE E 81 14.65 12.62 -4.89
CA ILE E 81 16.10 12.54 -5.00
C ILE E 81 16.68 13.53 -4.00
N ILE E 82 15.98 14.64 -3.81
CA ILE E 82 16.42 15.63 -2.86
C ILE E 82 16.40 14.97 -1.49
N GLU E 83 15.23 14.46 -1.11
CA GLU E 83 15.03 13.79 0.17
C GLU E 83 16.11 12.75 0.40
N ALA E 84 16.46 12.02 -0.64
CA ALA E 84 17.50 11.00 -0.51
C ALA E 84 18.81 11.61 -0.05
N ALA E 86 19.37 14.67 1.51
CA ALA E 86 19.27 15.19 2.87
C ALA E 86 19.44 14.07 3.88
N GLN E 87 18.83 12.93 3.60
CA GLN E 87 18.94 11.78 4.49
C GLN E 87 20.41 11.37 4.61
N ALA E 88 21.14 11.40 3.51
CA ALA E 88 22.55 11.03 3.54
C ALA E 88 23.32 12.10 4.28
N ALA E 89 22.93 13.36 4.11
CA ALA E 89 23.62 14.44 4.80
C ALA E 89 23.48 14.18 6.30
N GLY E 90 22.25 13.92 6.72
CA GLY E 90 21.97 13.63 8.11
C GLY E 90 22.89 12.58 8.70
N ILE E 91 22.98 11.42 8.06
CA ILE E 91 23.85 10.37 8.57
C ILE E 91 25.23 10.96 8.82
N LEU E 92 25.76 11.65 7.80
CA LEU E 92 27.08 12.26 7.90
C LEU E 92 27.21 13.18 9.12
N GLY E 93 26.29 14.12 9.26
CA GLY E 93 26.31 15.05 10.37
C GLY E 93 26.43 14.37 11.73
N PHE E 94 25.89 13.16 11.85
CA PHE E 94 25.95 12.43 13.12
C PHE E 94 27.29 11.75 13.28
N LYS E 95 27.72 11.02 12.26
CA LYS E 95 29.00 10.30 12.32
C LYS E 95 30.15 11.26 12.61
N LEU E 97 30.28 13.88 14.55
CA LEU E 97 30.42 14.14 15.97
C LEU E 97 30.40 12.83 16.74
N ASP E 98 30.77 11.76 16.05
CA ASP E 98 30.84 10.40 16.60
C ASP E 98 29.75 10.11 17.63
N VAL E 99 28.51 10.46 17.31
CA VAL E 99 27.41 10.22 18.23
C VAL E 99 26.31 9.31 17.66
N LYS E 100 25.40 8.91 18.53
CA LYS E 100 24.29 8.04 18.17
C LYS E 100 23.01 8.74 18.66
N PRO E 101 22.19 9.24 17.72
CA PRO E 101 20.93 9.94 17.99
C PRO E 101 20.12 9.44 19.19
N ALA E 102 19.06 10.16 19.52
CA ALA E 102 18.20 9.79 20.64
C ALA E 102 16.79 9.47 20.13
N GLY E 104 14.76 10.01 17.48
CA GLY E 104 14.14 11.33 17.82
C GLY E 104 14.91 12.50 17.22
N THR E 105 16.21 12.55 17.47
CA THR E 105 17.07 13.60 16.94
C THR E 105 17.05 13.50 15.43
N LEU E 106 16.85 14.63 14.77
CA LEU E 106 16.76 14.67 13.33
C LEU E 106 17.32 15.93 12.68
N TYR E 107 17.92 15.78 11.51
CA TYR E 107 18.44 16.94 10.77
C TYR E 107 17.31 17.40 9.85
N TYR E 108 16.47 18.27 10.38
CA TYR E 108 15.31 18.80 9.68
C TYR E 108 15.68 19.62 8.44
N PHE E 109 15.09 19.25 7.30
CA PHE E 109 15.32 19.92 6.02
C PHE E 109 14.67 21.29 6.04
N VAL E 110 15.44 22.35 6.29
CA VAL E 110 14.87 23.69 6.38
C VAL E 110 14.90 24.52 5.11
N GLY E 111 15.78 24.18 4.17
CA GLY E 111 15.84 24.95 2.95
C GLY E 111 16.94 24.54 2.01
N SER E 112 17.00 25.20 0.86
CA SER E 112 18.02 24.90 -0.14
C SER E 112 18.17 26.05 -1.11
N ASP E 113 19.38 26.20 -1.65
CA ASP E 113 19.67 27.26 -2.61
C ASP E 113 19.75 26.63 -3.98
N LYS E 114 20.96 26.50 -4.51
CA LYS E 114 21.13 25.88 -5.82
C LYS E 114 20.53 24.48 -5.74
N LEU E 115 19.57 24.20 -6.61
CA LEU E 115 18.92 22.91 -6.67
C LEU E 115 18.67 22.66 -8.14
N ARG E 116 19.33 21.65 -8.69
CA ARG E 116 19.17 21.33 -10.10
C ARG E 116 19.17 19.83 -10.41
N PHE E 117 18.51 19.50 -11.52
CA PHE E 117 18.43 18.13 -12.00
C PHE E 117 18.88 18.13 -13.45
N ARG E 118 19.43 17.02 -13.90
CA ARG E 118 19.86 16.88 -15.29
C ARG E 118 19.02 15.75 -15.86
N GLN E 119 19.64 14.62 -16.18
CA GLN E 119 18.87 13.50 -16.71
C GLN E 119 18.00 12.93 -15.60
N PRO E 120 16.84 12.35 -15.95
CA PRO E 120 15.94 11.77 -14.95
C PRO E 120 16.38 10.37 -14.52
N VAL E 121 16.11 10.03 -13.26
CA VAL E 121 16.47 8.74 -12.70
C VAL E 121 15.38 7.72 -13.05
N LEU E 122 15.79 6.57 -13.54
CA LEU E 122 14.84 5.54 -13.97
C LEU E 122 14.95 4.21 -13.24
N PRO E 123 13.92 3.37 -13.35
CA PRO E 123 13.96 2.08 -12.68
C PRO E 123 15.17 1.31 -13.18
N GLY E 124 15.94 0.74 -12.26
CA GLY E 124 17.11 -0.02 -12.64
C GLY E 124 18.38 0.74 -12.33
N ASP E 125 18.22 2.03 -12.07
CA ASP E 125 19.36 2.88 -11.76
C ASP E 125 19.78 2.75 -10.30
N GLN E 126 21.06 3.02 -10.05
CA GLN E 126 21.60 2.98 -8.71
C GLN E 126 21.96 4.43 -8.40
N LEU E 127 21.01 5.16 -7.84
CA LEU E 127 21.22 6.56 -7.50
C LEU E 127 22.36 6.65 -6.51
N GLN E 128 23.45 7.27 -6.92
CA GLN E 128 24.60 7.44 -6.06
C GLN E 128 24.41 8.79 -5.36
N LEU E 129 24.64 8.80 -4.05
CA LEU E 129 24.46 10.01 -3.25
C LEU E 129 25.77 10.45 -2.60
N HIS E 130 26.04 11.76 -2.69
CA HIS E 130 27.24 12.37 -2.12
C HIS E 130 26.85 13.60 -1.30
N ALA E 131 27.44 13.76 -0.13
CA ALA E 131 27.17 14.92 0.71
C ALA E 131 28.48 15.35 1.36
N LYS E 132 28.78 16.63 1.28
CA LYS E 132 30.02 17.15 1.86
C LYS E 132 29.71 18.25 2.87
N PHE E 133 30.36 18.16 4.03
CA PHE E 133 30.15 19.15 5.08
C PHE E 133 30.68 20.51 4.68
N ILE E 134 29.86 21.54 4.87
CA ILE E 134 30.29 22.90 4.55
C ILE E 134 30.51 23.63 5.86
N SER E 135 29.45 24.26 6.38
CA SER E 135 29.56 25.00 7.62
C SER E 135 28.59 24.49 8.68
N VAL E 136 28.27 25.37 9.63
CA VAL E 136 27.35 25.08 10.73
C VAL E 136 27.32 26.29 11.68
N LYS E 137 26.37 27.19 11.45
CA LYS E 137 26.24 28.37 12.28
C LYS E 137 25.18 28.14 13.35
N ARG E 138 25.63 27.69 14.52
CA ARG E 138 24.76 27.41 15.66
C ARG E 138 24.13 26.04 15.53
N SER E 139 22.84 26.02 15.19
CA SER E 139 22.11 24.78 15.02
C SER E 139 21.94 24.42 13.53
N ILE E 140 22.22 25.38 12.67
CA ILE E 140 22.07 25.19 11.24
C ILE E 140 23.28 24.49 10.63
N TRP E 141 23.01 23.67 9.61
CA TRP E 141 24.07 22.92 8.92
C TRP E 141 23.89 23.09 7.42
N LYS E 142 25.00 23.16 6.70
CA LYS E 142 24.92 23.29 5.25
C LYS E 142 25.71 22.16 4.62
N PHE E 143 25.13 21.53 3.60
CA PHE E 143 25.80 20.43 2.91
C PHE E 143 25.78 20.64 1.40
N ASP E 144 26.82 20.16 0.73
CA ASP E 144 26.90 20.28 -0.73
C ASP E 144 26.65 18.87 -1.25
N CYS E 145 25.45 18.62 -1.75
CA CYS E 145 25.08 17.29 -2.21
C CYS E 145 25.00 17.06 -3.71
N HIS E 146 25.41 15.88 -4.13
CA HIS E 146 25.38 15.50 -5.53
C HIS E 146 24.85 14.08 -5.69
N ALA E 147 23.95 13.90 -6.65
CA ALA E 147 23.39 12.59 -6.93
C ALA E 147 23.86 12.25 -8.33
N THR E 148 24.30 11.01 -8.54
CA THR E 148 24.79 10.61 -9.86
C THR E 148 24.46 9.16 -10.22
N VAL E 149 24.23 8.93 -11.52
CA VAL E 149 23.93 7.58 -12.01
C VAL E 149 25.04 7.22 -12.99
N ASP E 150 25.79 6.17 -12.67
CA ASP E 150 26.89 5.73 -13.51
C ASP E 150 27.87 6.88 -13.76
N ASP E 151 28.20 7.62 -12.70
CA ASP E 151 29.12 8.75 -12.79
C ASP E 151 28.48 10.00 -13.37
N LYS E 152 27.51 9.83 -14.26
CA LYS E 152 26.83 10.96 -14.88
C LYS E 152 26.01 11.70 -13.83
N PRO E 153 26.22 13.02 -13.68
CA PRO E 153 25.46 13.79 -12.69
C PRO E 153 23.97 13.83 -13.00
N VAL E 154 23.14 13.70 -11.97
CA VAL E 154 21.69 13.72 -12.15
C VAL E 154 21.02 14.82 -11.33
N CYS E 155 21.64 15.21 -10.23
CA CYS E 155 21.08 16.25 -9.39
C CYS E 155 22.17 16.87 -8.54
N SER E 156 21.92 18.10 -8.09
CA SER E 156 22.88 18.81 -7.25
C SER E 156 22.18 19.91 -6.49
N ALA E 157 22.52 20.03 -5.21
CA ALA E 157 21.91 21.05 -4.39
C ALA E 157 22.70 21.27 -3.12
N GLU E 158 22.51 22.44 -2.53
CA GLU E 158 23.16 22.80 -1.28
C GLU E 158 22.08 22.67 -0.22
N ILE E 159 22.07 21.54 0.46
CA ILE E 159 21.06 21.26 1.48
C ILE E 159 21.29 21.99 2.80
N ILE E 160 20.20 22.45 3.41
CA ILE E 160 20.27 23.14 4.68
C ILE E 160 19.39 22.42 5.71
N CYS E 161 20.01 21.98 6.80
CA CYS E 161 19.30 21.27 7.87
C CYS E 161 19.42 21.96 9.21
N ALA E 162 18.45 21.70 10.08
CA ALA E 162 18.43 22.26 11.42
C ALA E 162 18.31 21.09 12.38
N GLU E 163 19.36 20.81 13.14
CA GLU E 163 19.32 19.71 14.10
C GLU E 163 18.17 19.97 15.07
N ARG E 164 17.16 19.13 15.02
CA ARG E 164 15.99 19.28 15.89
C ARG E 164 15.68 17.94 16.55
N LYS E 165 14.63 17.91 17.37
CA LYS E 165 14.21 16.69 18.04
C LYS E 165 12.70 16.54 17.95
N LEU E 166 12.24 15.51 17.26
CA LEU E 166 10.82 15.25 17.08
C LEU E 166 10.08 15.16 18.42
N ASP F 23 -12.06 20.73 -9.61
CA ASP F 23 -12.16 19.63 -8.66
C ASP F 23 -11.12 18.57 -9.03
N ILE F 24 -11.09 17.46 -8.31
CA ILE F 24 -10.09 16.44 -8.57
C ILE F 24 -10.10 15.82 -9.98
N ASN F 25 -11.28 15.63 -10.54
CA ASN F 25 -11.37 15.05 -11.88
C ASN F 25 -10.82 15.94 -12.98
N GLU F 26 -11.09 17.24 -12.88
CA GLU F 26 -10.59 18.18 -13.85
C GLU F 26 -9.08 18.21 -13.70
N ILE F 27 -8.62 18.29 -12.46
CA ILE F 27 -7.20 18.29 -12.17
C ILE F 27 -6.46 17.14 -12.86
N ARG F 28 -7.04 15.94 -12.79
CA ARG F 28 -6.38 14.79 -13.40
C ARG F 28 -6.41 14.83 -14.92
N GLU F 29 -6.96 15.91 -15.47
CA GLU F 29 -7.01 16.09 -16.91
C GLU F 29 -5.79 16.88 -17.34
N TYR F 30 -5.23 17.63 -16.40
CA TYR F 30 -4.05 18.45 -16.65
C TYR F 30 -2.75 17.83 -16.13
N LEU F 31 -2.80 17.20 -14.96
CA LEU F 31 -1.61 16.56 -14.39
C LEU F 31 -1.66 15.05 -14.64
N PRO F 32 -0.54 14.45 -15.08
CA PRO F 32 -0.56 13.00 -15.34
C PRO F 32 -0.30 12.22 -14.05
N HIS F 33 0.03 12.94 -12.99
CA HIS F 33 0.32 12.34 -11.69
C HIS F 33 -0.85 11.50 -11.17
N ARG F 34 -0.55 10.42 -10.46
CA ARG F 34 -1.59 9.58 -9.91
C ARG F 34 -1.15 9.09 -8.54
N TYR F 35 -1.99 8.30 -7.90
CA TYR F 35 -1.66 7.78 -6.57
C TYR F 35 -0.39 6.95 -6.62
N PRO F 36 0.51 7.13 -5.64
CA PRO F 36 0.42 8.06 -4.51
C PRO F 36 1.24 9.34 -4.68
N PHE F 37 1.15 10.00 -5.84
CA PHE F 37 1.91 11.23 -6.04
C PHE F 37 1.16 12.41 -6.66
N LEU F 38 -0.13 12.53 -6.35
CA LEU F 38 -0.94 13.64 -6.85
C LEU F 38 -1.19 14.43 -5.56
N LEU F 39 -0.59 15.62 -5.48
CA LEU F 39 -0.70 16.43 -4.28
C LEU F 39 -1.44 17.75 -4.43
N VAL F 40 -2.44 17.77 -5.29
CA VAL F 40 -3.27 18.96 -5.46
C VAL F 40 -4.68 18.41 -5.40
N ASP F 41 -5.41 18.71 -4.33
CA ASP F 41 -6.77 18.21 -4.16
C ASP F 41 -7.83 19.13 -4.74
N ARG F 42 -7.51 20.40 -4.91
CA ARG F 42 -8.51 21.31 -5.44
C ARG F 42 -7.94 22.68 -5.80
N VAL F 43 -8.42 23.24 -6.90
CA VAL F 43 -8.00 24.57 -7.35
C VAL F 43 -9.15 25.55 -7.08
N VAL F 44 -8.99 26.39 -6.06
CA VAL F 44 -10.04 27.33 -5.68
C VAL F 44 -10.13 28.55 -6.59
N GLU F 45 -9.00 28.99 -7.12
CA GLU F 45 -8.98 30.15 -7.98
C GLU F 45 -7.91 30.08 -9.06
N LEU F 46 -8.33 30.34 -10.29
CA LEU F 46 -7.40 30.34 -11.41
C LEU F 46 -7.50 31.67 -12.13
N ASP F 47 -6.59 32.58 -11.76
CA ASP F 47 -6.57 33.92 -12.34
C ASP F 47 -5.57 34.04 -13.48
N ILE F 48 -6.02 33.69 -14.69
CA ILE F 48 -5.17 33.74 -15.88
C ILE F 48 -4.65 35.12 -16.24
N GLU F 49 -5.52 36.14 -16.15
CA GLU F 49 -5.09 37.50 -16.46
C GLU F 49 -3.96 37.91 -15.51
N GLY F 50 -4.00 37.34 -14.30
CA GLY F 50 -2.99 37.63 -13.30
C GLY F 50 -1.86 36.60 -13.29
N LYS F 51 -1.91 35.65 -14.21
CA LYS F 51 -0.91 34.60 -14.33
C LYS F 51 -0.60 33.93 -12.98
N ARG F 52 -1.62 33.79 -12.13
CA ARG F 52 -1.42 33.15 -10.84
C ARG F 52 -2.54 32.15 -10.49
N ILE F 53 -2.21 31.19 -9.63
CA ILE F 53 -3.16 30.16 -9.22
C ILE F 53 -3.18 29.92 -7.71
N ARG F 54 -4.33 29.46 -7.21
CA ARG F 54 -4.50 29.15 -5.80
C ARG F 54 -5.19 27.81 -5.69
N ALA F 55 -4.54 26.87 -5.01
CA ALA F 55 -5.12 25.54 -4.83
C ALA F 55 -4.74 25.07 -3.44
N TYR F 56 -5.18 23.87 -3.08
CA TYR F 56 -4.82 23.33 -1.79
C TYR F 56 -4.76 21.82 -1.78
N LYS F 57 -4.05 21.30 -0.79
CA LYS F 57 -3.89 19.87 -0.61
C LYS F 57 -4.32 19.60 0.83
N ASN F 58 -5.36 18.79 1.00
CA ASN F 58 -5.83 18.42 2.32
C ASN F 58 -4.82 17.45 2.89
N VAL F 59 -4.31 17.73 4.09
CA VAL F 59 -3.35 16.82 4.71
C VAL F 59 -4.13 15.97 5.70
N SER F 60 -4.05 14.66 5.54
CA SER F 60 -4.77 13.74 6.41
C SER F 60 -3.82 12.68 6.95
N ILE F 61 -4.07 12.21 8.16
CA ILE F 61 -3.21 11.17 8.72
C ILE F 61 -3.37 9.92 7.85
N ASN F 62 -4.48 9.81 7.15
CA ASN F 62 -4.74 8.63 6.31
C ASN F 62 -4.09 8.64 4.94
N GLU F 63 -2.81 8.98 4.90
CA GLU F 63 -2.05 9.02 3.65
C GLU F 63 -0.86 8.09 3.83
N PRO F 64 -0.47 7.37 2.78
CA PRO F 64 0.65 6.43 2.84
C PRO F 64 2.00 6.86 3.42
N PHE F 65 2.41 8.12 3.19
CA PHE F 65 3.72 8.59 3.66
C PHE F 65 3.89 8.92 5.13
N PHE F 66 2.80 9.15 5.86
CA PHE F 66 2.93 9.51 7.27
C PHE F 66 3.52 8.41 8.16
N ASN F 67 3.23 7.15 7.85
CA ASN F 67 3.77 6.05 8.65
C ASN F 67 5.27 6.03 8.61
N GLY F 68 5.85 6.53 7.52
CA GLY F 68 7.30 6.52 7.41
C GLY F 68 7.99 7.84 7.71
N HIS F 69 7.21 8.89 7.88
CA HIS F 69 7.78 10.22 8.13
C HIS F 69 6.93 11.05 9.10
N PHE F 70 6.99 10.77 10.40
CA PHE F 70 7.80 9.69 10.97
C PHE F 70 6.89 8.94 11.94
N PRO F 71 7.26 7.70 12.30
CA PRO F 71 6.45 6.90 13.23
C PRO F 71 6.19 7.72 14.50
N GLU F 72 4.93 7.77 14.92
CA GLU F 72 4.55 8.50 16.12
C GLU F 72 4.84 10.00 16.08
N HIS F 73 5.21 10.52 14.91
CA HIS F 73 5.48 11.95 14.76
C HIS F 73 5.23 12.33 13.32
N PRO F 74 3.96 12.34 12.92
CA PRO F 74 3.53 12.67 11.56
C PRO F 74 3.83 14.10 11.13
N ILE F 75 4.66 14.23 10.10
CA ILE F 75 5.03 15.53 9.57
C ILE F 75 5.12 15.41 8.05
N PRO F 77 6.35 15.55 4.60
CA PRO F 77 7.71 15.79 4.11
C PRO F 77 7.78 17.13 3.39
N GLY F 78 8.84 17.89 3.66
CA GLY F 78 9.02 19.16 2.98
C GLY F 78 9.04 18.95 1.48
N VAL F 79 9.81 17.95 1.04
CA VAL F 79 9.92 17.64 -0.38
C VAL F 79 8.56 17.45 -1.05
N LEU F 80 7.56 17.02 -0.29
CA LEU F 80 6.24 16.83 -0.88
C LEU F 80 5.51 18.16 -1.00
N ILE F 81 5.94 19.16 -0.23
CA ILE F 81 5.32 20.47 -0.33
C ILE F 81 5.89 21.10 -1.60
N ILE F 82 7.18 20.91 -1.82
CA ILE F 82 7.82 21.44 -3.02
C ILE F 82 7.05 20.84 -4.19
N GLU F 83 6.85 19.52 -4.13
CA GLU F 83 6.14 18.79 -5.16
C GLU F 83 4.72 19.34 -5.37
N ALA F 84 4.04 19.64 -4.27
CA ALA F 84 2.68 20.15 -4.37
C ALA F 84 2.65 21.46 -5.14
N ALA F 86 5.01 22.49 -7.32
CA ALA F 86 5.39 22.24 -8.72
C ALA F 86 4.20 21.70 -9.49
N GLN F 87 3.26 21.09 -8.79
CA GLN F 87 2.09 20.55 -9.47
C GLN F 87 1.09 21.68 -9.71
N ALA F 88 0.94 22.56 -8.74
CA ALA F 88 0.02 23.69 -8.91
C ALA F 88 0.53 24.57 -10.06
N ALA F 89 1.84 24.77 -10.12
CA ALA F 89 2.44 25.58 -11.18
C ALA F 89 2.07 24.97 -12.53
N GLY F 90 2.32 23.68 -12.69
CA GLY F 90 1.99 23.00 -13.93
C GLY F 90 0.54 23.19 -14.34
N ILE F 91 -0.38 23.20 -13.39
CA ILE F 91 -1.77 23.39 -13.77
C ILE F 91 -1.95 24.79 -14.34
N LEU F 92 -1.26 25.75 -13.75
CA LEU F 92 -1.34 27.15 -14.21
C LEU F 92 -0.75 27.26 -15.61
N GLY F 93 0.32 26.52 -15.86
CA GLY F 93 0.95 26.56 -17.17
C GLY F 93 -0.05 26.25 -18.27
N PHE F 94 -0.49 25.01 -18.32
CA PHE F 94 -1.44 24.57 -19.35
C PHE F 94 -2.62 25.52 -19.52
N LYS F 95 -3.26 25.90 -18.42
CA LYS F 95 -4.39 26.81 -18.51
C LYS F 95 -4.00 28.11 -19.21
N LEU F 97 -1.61 28.72 -21.55
CA LEU F 97 -1.55 28.54 -23.00
C LEU F 97 -2.73 27.69 -23.46
N ASP F 98 -3.91 28.11 -22.97
CA ASP F 98 -5.23 27.51 -23.27
C ASP F 98 -5.25 26.13 -23.94
N VAL F 99 -4.47 25.19 -23.43
CA VAL F 99 -4.43 23.87 -24.05
C VAL F 99 -5.11 22.76 -23.26
N LYS F 100 -5.38 21.66 -23.97
CA LYS F 100 -5.98 20.47 -23.39
C LYS F 100 -4.82 19.47 -23.44
N PRO F 101 -3.96 19.47 -22.40
CA PRO F 101 -2.80 18.58 -22.31
C PRO F 101 -3.14 17.09 -22.24
N ALA F 102 -3.97 16.63 -23.17
CA ALA F 102 -4.35 15.23 -23.22
C ALA F 102 -3.35 14.47 -24.08
N ASP F 103 -2.15 14.27 -23.54
CA ASP F 103 -1.11 13.55 -24.28
C ASP F 103 0.19 13.38 -23.50
N GLY F 104 0.06 12.99 -22.23
CA GLY F 104 1.23 12.79 -21.39
C GLY F 104 2.22 13.94 -21.33
N THR F 105 1.83 15.11 -21.83
CA THR F 105 2.70 16.27 -21.80
C THR F 105 2.83 16.72 -20.35
N LEU F 106 4.02 17.17 -19.96
CA LEU F 106 4.27 17.55 -18.57
C LEU F 106 5.35 18.62 -18.33
N TYR F 107 5.23 19.33 -17.20
CA TYR F 107 6.21 20.34 -16.82
C TYR F 107 7.23 19.69 -15.90
N TYR F 108 8.32 19.19 -16.48
CA TYR F 108 9.38 18.52 -15.73
C TYR F 108 10.15 19.44 -14.78
N PHE F 109 10.01 19.19 -13.48
CA PHE F 109 10.69 19.96 -12.44
C PHE F 109 12.18 19.79 -12.66
N VAL F 110 12.85 20.87 -13.05
CA VAL F 110 14.29 20.80 -13.33
C VAL F 110 15.17 21.47 -12.28
N GLY F 111 14.64 22.51 -11.63
CA GLY F 111 15.45 23.17 -10.63
C GLY F 111 14.72 24.19 -9.75
N SER F 112 15.50 24.82 -8.89
CA SER F 112 14.98 25.83 -7.98
C SER F 112 16.10 26.51 -7.21
N ASP F 113 16.01 27.82 -7.13
CA ASP F 113 16.99 28.62 -6.40
C ASP F 113 16.23 29.01 -5.16
N LYS F 114 16.96 29.41 -4.11
CA LYS F 114 16.36 29.84 -2.85
C LYS F 114 15.03 29.13 -2.51
N LEU F 115 15.13 28.13 -1.64
CA LEU F 115 14.00 27.35 -1.18
C LEU F 115 13.98 27.35 0.35
N ARG F 116 12.84 27.68 0.94
CA ARG F 116 12.75 27.73 2.40
C ARG F 116 11.52 27.05 3.00
N PHE F 117 11.70 26.54 4.21
CA PHE F 117 10.63 25.89 4.96
C PHE F 117 10.57 26.62 6.30
N ARG F 118 9.40 27.14 6.66
CA ARG F 118 9.32 27.89 7.91
C ARG F 118 8.59 27.25 9.09
N GLN F 119 8.05 26.05 8.88
CA GLN F 119 7.35 25.30 9.94
C GLN F 119 6.70 24.05 9.36
N PRO F 120 6.70 22.96 10.14
CA PRO F 120 6.13 21.68 9.71
C PRO F 120 4.63 21.71 9.45
N VAL F 121 4.22 20.97 8.43
CA VAL F 121 2.81 20.86 8.06
C VAL F 121 2.34 19.56 8.69
N LEU F 122 1.23 19.63 9.42
CA LEU F 122 0.72 18.45 10.13
C LEU F 122 -0.64 17.97 9.64
N PRO F 123 -1.04 16.76 10.04
CA PRO F 123 -2.34 16.27 9.61
C PRO F 123 -3.42 17.28 10.00
N GLY F 124 -4.50 17.34 9.24
CA GLY F 124 -5.55 18.27 9.56
C GLY F 124 -5.36 19.63 8.92
N ASP F 125 -4.11 19.94 8.57
CA ASP F 125 -3.81 21.22 7.94
C ASP F 125 -4.32 21.19 6.51
N GLN F 126 -4.66 22.36 5.98
CA GLN F 126 -5.08 22.44 4.61
C GLN F 126 -3.94 23.22 3.91
N LEU F 127 -3.08 22.50 3.22
CA LEU F 127 -1.94 23.11 2.55
C LEU F 127 -2.41 24.02 1.41
N GLN F 128 -2.29 25.32 1.64
CA GLN F 128 -2.69 26.32 0.66
C GLN F 128 -1.53 26.53 -0.29
N LEU F 129 -1.75 26.24 -1.56
CA LEU F 129 -0.73 26.37 -2.59
C LEU F 129 -0.95 27.62 -3.47
N HIS F 130 0.13 28.37 -3.68
CA HIS F 130 0.10 29.60 -4.50
C HIS F 130 1.24 29.57 -5.51
N ALA F 131 0.93 29.83 -6.77
CA ALA F 131 1.97 29.85 -7.79
C ALA F 131 1.77 31.07 -8.66
N LYS F 132 2.82 31.87 -8.80
CA LYS F 132 2.78 33.08 -9.61
C LYS F 132 3.70 32.90 -10.81
N PHE F 133 3.18 33.21 -12.00
CA PHE F 133 3.97 33.08 -13.21
C PHE F 133 5.05 34.17 -13.24
N ILE F 134 6.23 33.84 -13.74
CA ILE F 134 7.30 34.83 -13.82
C ILE F 134 7.84 35.02 -15.25
N SER F 135 8.73 34.14 -15.68
CA SER F 135 9.30 34.26 -17.02
C SER F 135 9.01 33.02 -17.85
N VAL F 136 9.81 32.80 -18.89
CA VAL F 136 9.67 31.65 -19.77
C VAL F 136 10.58 31.83 -21.00
N LYS F 137 11.87 31.58 -20.81
CA LYS F 137 12.84 31.72 -21.89
C LYS F 137 13.05 30.37 -22.59
N ARG F 138 12.36 30.22 -23.73
CA ARG F 138 12.38 29.01 -24.55
C ARG F 138 11.37 28.04 -23.96
N SER F 139 11.82 26.87 -23.51
CA SER F 139 10.89 25.91 -22.93
C SER F 139 10.99 25.88 -21.40
N ILE F 140 11.94 26.64 -20.86
CA ILE F 140 12.14 26.70 -19.42
C ILE F 140 11.24 27.74 -18.75
N TRP F 141 10.30 27.28 -17.92
CA TRP F 141 9.36 28.15 -17.21
C TRP F 141 9.82 28.45 -15.79
N LYS F 142 9.37 29.60 -15.27
CA LYS F 142 9.73 30.00 -13.91
C LYS F 142 8.50 30.43 -13.13
N PHE F 143 8.38 29.98 -11.88
CA PHE F 143 7.24 30.34 -11.03
C PHE F 143 7.68 30.74 -9.63
N ASP F 144 6.94 31.68 -9.04
CA ASP F 144 7.21 32.15 -7.69
C ASP F 144 6.11 31.50 -6.86
N CYS F 145 6.48 30.51 -6.06
CA CYS F 145 5.50 29.76 -5.26
C CYS F 145 5.60 29.85 -3.76
N HIS F 146 4.44 29.88 -3.12
CA HIS F 146 4.36 29.93 -1.66
C HIS F 146 3.34 28.91 -1.15
N ALA F 147 3.60 28.38 0.04
CA ALA F 147 2.69 27.44 0.66
C ALA F 147 2.37 28.02 2.03
N THR F 148 1.11 27.91 2.44
CA THR F 148 0.72 28.43 3.74
C THR F 148 -0.38 27.58 4.38
N VAL F 149 -0.40 27.57 5.71
CA VAL F 149 -1.39 26.84 6.50
C VAL F 149 -2.02 27.92 7.39
N ASP F 150 -3.34 28.00 7.42
CA ASP F 150 -4.00 29.02 8.23
C ASP F 150 -3.33 30.36 7.94
N ASP F 151 -3.19 30.67 6.66
CA ASP F 151 -2.57 31.92 6.21
C ASP F 151 -1.17 32.19 6.73
N LYS F 152 -0.64 31.32 7.58
CA LYS F 152 0.71 31.51 8.09
C LYS F 152 1.66 30.87 7.10
N PRO F 153 2.78 31.56 6.76
CA PRO F 153 3.77 31.05 5.81
C PRO F 153 4.43 29.74 6.24
N VAL F 154 4.39 28.76 5.34
CA VAL F 154 4.94 27.43 5.58
C VAL F 154 6.18 27.13 4.73
N CYS F 155 6.06 27.38 3.43
CA CYS F 155 7.17 27.15 2.52
C CYS F 155 7.15 28.21 1.44
N SER F 156 8.30 28.40 0.79
CA SER F 156 8.41 29.37 -0.29
C SER F 156 9.59 28.97 -1.14
N ALA F 157 9.44 29.09 -2.46
CA ALA F 157 10.51 28.72 -3.38
C ALA F 157 10.22 29.21 -4.79
N GLU F 158 11.25 29.10 -5.64
CA GLU F 158 11.14 29.49 -7.03
C GLU F 158 11.21 28.21 -7.85
N ILE F 159 10.08 27.77 -8.37
CA ILE F 159 10.04 26.54 -9.16
C ILE F 159 10.35 26.80 -10.63
N ILE F 160 11.25 25.99 -11.18
CA ILE F 160 11.66 26.11 -12.58
C ILE F 160 11.39 24.78 -13.29
N CYS F 161 10.36 24.74 -14.14
CA CYS F 161 10.00 23.54 -14.89
C CYS F 161 10.46 23.66 -16.34
N ALA F 162 10.53 22.53 -17.03
CA ALA F 162 10.95 22.50 -18.43
C ALA F 162 10.02 21.62 -19.26
N GLU F 163 8.92 22.22 -19.71
CA GLU F 163 7.91 21.56 -20.52
C GLU F 163 8.46 20.53 -21.52
N ARG F 164 8.02 19.28 -21.34
CA ARG F 164 8.41 18.18 -22.22
C ARG F 164 7.24 17.19 -22.21
N LYS F 165 7.42 16.05 -22.86
CA LYS F 165 6.36 15.05 -22.89
C LYS F 165 6.89 13.66 -22.58
N LEU F 166 6.21 12.96 -21.68
CA LEU F 166 6.63 11.62 -21.28
C LEU F 166 6.61 10.66 -22.47
#